data_7V6Q
#
_entry.id   7V6Q
#
_cell.length_a   71.133
_cell.length_b   71.004
_cell.length_c   104.394
_cell.angle_alpha   105.32
_cell.angle_beta   101.99
_cell.angle_gamma   95.75
#
_symmetry.space_group_name_H-M   'P 1'
#
loop_
_entity.id
_entity.type
_entity.pdbx_description
1 polymer 'Histone chaperone ASF1A'
2 polymer 'Histone H3.1'
3 polymer 'Histone H4'
4 polymer 'Isoform 2 of Nuclear autoantigenic sperm protein'
5 non-polymer GLYCEROL
6 non-polymer 'PENTAETHYLENE GLYCOL'
7 water water
#
loop_
_entity_poly.entity_id
_entity_poly.type
_entity_poly.pdbx_seq_one_letter_code
_entity_poly.pdbx_strand_id
1 'polypeptide(L)'
;MAKVQVNNVVVLDNPSPFYNPFQFEITFECIEDLSEDLEWKIIYVGSAESEEYDQVLDSVLVGPVPAGRHMFVFQADAPN
PGLIPDADAVGVTVVLITCTYRGQEFIRVGYYVNNEYTETELRENPPVKPDFSKLQRNILASNPRVTRFHINWEDN
;
A,E
2 'polypeptide(L)'
;MARTKQTARKSTGGKAPRKQLATKAARKSAPATGGVKKPHRYRPGTVALREIRRYQKSTELLIRKLPFQRLVREIAQDFK
TDLRFQSSAVMALQEACEAYLVGLFEDTNLCAIHAKRVTIMPKDIQLARRIRGERA
;
B,F
3 'polypeptide(L)'
;MGRGKGGKGLGKGGAKRHRKVLRDNIQGITKPAIRRLARRGGVKRISGLIYEETRGVLKVFLENVIRDAVTYTEHAKRKT
VTAMDVVYALKRQGRTLYGFGG
;
C,G
4 'polypeptide(L)'
;DPDSEAKKLLGLGQKHLVMGDIPAAVNAFQEAASLLGKKYGETANECGEAFFFYGKSLLELARMENGVLGNALEGVHVEE
EEGEKTEDESLVENNDNIDETEGSEEDDKENDKTEEMPNDSVLENKSLQENEEEEIGNLELAWDMLDLAKIIFKRQETKE
AQLYAAQAHLKLGEVSVESENYVQAVEEFQSCLNLQEQYLEAHDRLLAETHYQLGLAYGYNSQYDEAVAQFSKSIEVIEN
RMAVLNEQVKEAEGSSAEYKKEIEELKELLPEIREKIEDAKES
;
D,H
#
# COMPACT_ATOMS: atom_id res chain seq x y z
N MET A 1 17.36 -42.09 0.75
CA MET A 1 17.59 -42.98 1.88
C MET A 1 17.07 -42.37 3.18
N ALA A 2 16.91 -41.03 3.18
CA ALA A 2 16.47 -40.27 4.35
C ALA A 2 17.42 -40.49 5.54
N LYS A 3 18.63 -39.99 5.37
CA LYS A 3 19.67 -40.19 6.38
C LYS A 3 19.55 -39.26 7.57
N VAL A 4 18.88 -38.12 7.42
CA VAL A 4 18.65 -37.18 8.52
C VAL A 4 17.15 -36.96 8.64
N GLN A 5 16.62 -37.13 9.85
CA GLN A 5 15.20 -36.95 10.11
C GLN A 5 15.01 -35.93 11.22
N VAL A 6 14.23 -34.88 10.96
CA VAL A 6 13.93 -33.89 11.97
C VAL A 6 12.74 -34.42 12.78
N ASN A 7 13.03 -34.91 14.00
CA ASN A 7 11.98 -35.48 14.84
C ASN A 7 11.08 -34.41 15.43
N ASN A 8 11.61 -33.23 15.76
CA ASN A 8 10.75 -32.20 16.34
C ASN A 8 11.42 -30.83 16.27
N VAL A 9 10.58 -29.79 16.30
CA VAL A 9 11.04 -28.41 16.40
C VAL A 9 10.12 -27.69 17.38
N VAL A 10 10.70 -27.07 18.40
CA VAL A 10 9.95 -26.36 19.43
C VAL A 10 10.31 -24.88 19.35
N VAL A 11 9.31 -24.04 19.12
CA VAL A 11 9.51 -22.60 19.06
C VAL A 11 9.61 -22.07 20.49
N LEU A 12 10.71 -21.39 20.80
CA LEU A 12 10.90 -20.83 22.13
C LEU A 12 10.71 -19.32 22.07
N ASP A 13 10.42 -18.74 23.24
CA ASP A 13 10.27 -17.29 23.39
C ASP A 13 9.19 -16.75 22.44
N ASN A 14 8.00 -17.34 22.53
CA ASN A 14 6.88 -17.01 21.64
C ASN A 14 5.60 -16.89 22.46
N PRO A 15 4.88 -15.76 22.38
CA PRO A 15 5.17 -14.54 21.59
C PRO A 15 6.32 -13.72 22.17
N SER A 16 6.68 -12.64 21.48
CA SER A 16 7.83 -11.83 21.84
C SER A 16 7.76 -10.52 21.05
N PRO A 17 8.53 -9.51 21.45
CA PRO A 17 8.67 -8.32 20.60
C PRO A 17 9.29 -8.68 19.26
N PHE A 18 8.99 -7.87 18.25
CA PHE A 18 9.52 -8.12 16.91
C PHE A 18 11.04 -8.21 16.91
N TYR A 19 11.70 -7.39 17.73
CA TYR A 19 13.16 -7.35 17.75
C TYR A 19 13.79 -8.52 18.49
N ASN A 20 13.00 -9.33 19.19
CA ASN A 20 13.56 -10.49 19.87
C ASN A 20 14.07 -11.51 18.86
N PRO A 21 15.18 -12.18 19.15
CA PRO A 21 15.69 -13.18 18.20
C PRO A 21 14.81 -14.42 18.15
N PHE A 22 14.79 -15.04 16.97
CA PHE A 22 14.18 -16.35 16.83
C PHE A 22 14.99 -17.41 17.57
N GLN A 23 14.27 -18.30 18.26
CA GLN A 23 14.89 -19.42 18.96
C GLN A 23 14.09 -20.68 18.66
N PHE A 24 14.72 -21.65 18.02
CA PHE A 24 14.10 -22.94 17.72
C PHE A 24 14.94 -24.04 18.36
N GLU A 25 14.31 -24.82 19.24
CA GLU A 25 14.92 -26.04 19.77
C GLU A 25 14.64 -27.16 18.78
N ILE A 26 15.65 -27.54 18.00
CA ILE A 26 15.52 -28.54 16.95
C ILE A 26 16.08 -29.86 17.45
N THR A 27 15.31 -30.93 17.28
CA THR A 27 15.75 -32.29 17.60
C THR A 27 15.68 -33.10 16.32
N PHE A 28 16.83 -33.58 15.86
CA PHE A 28 16.94 -34.38 14.65
C PHE A 28 17.75 -35.64 14.95
N GLU A 29 17.88 -36.49 13.95
CA GLU A 29 18.52 -37.79 14.12
C GLU A 29 19.23 -38.18 12.84
N CYS A 30 20.44 -38.70 12.98
CA CYS A 30 21.21 -39.25 11.86
C CYS A 30 21.16 -40.76 11.93
N ILE A 31 20.65 -41.38 10.87
CA ILE A 31 20.54 -42.83 10.84
C ILE A 31 21.93 -43.47 10.90
N GLU A 32 22.89 -42.87 10.21
CA GLU A 32 24.27 -43.33 10.21
C GLU A 32 25.18 -42.11 10.30
N ASP A 33 26.50 -42.37 10.30
CA ASP A 33 27.47 -41.29 10.32
C ASP A 33 27.44 -40.54 9.00
N LEU A 34 27.47 -39.21 9.07
CA LEU A 34 27.43 -38.36 7.89
C LEU A 34 28.84 -37.94 7.52
N SER A 35 29.21 -38.20 6.25
CA SER A 35 30.54 -37.83 5.78
C SER A 35 30.63 -36.39 5.32
N GLU A 36 29.50 -35.75 5.01
CA GLU A 36 29.49 -34.39 4.50
C GLU A 36 28.87 -33.45 5.53
N ASP A 37 28.56 -32.23 5.09
CA ASP A 37 28.20 -31.15 5.97
C ASP A 37 26.68 -30.93 6.01
N LEU A 38 26.15 -30.73 7.21
CA LEU A 38 24.82 -30.19 7.37
C LEU A 38 24.88 -28.68 7.50
N GLU A 39 23.85 -28.01 7.00
CA GLU A 39 23.75 -26.56 7.12
C GLU A 39 22.30 -26.19 7.43
N TRP A 40 22.09 -25.62 8.60
CA TRP A 40 20.79 -25.12 9.00
C TRP A 40 20.72 -23.63 8.70
N LYS A 41 19.57 -23.17 8.23
CA LYS A 41 19.36 -21.77 7.91
C LYS A 41 18.00 -21.34 8.42
N ILE A 42 17.90 -20.12 8.93
CA ILE A 42 16.61 -19.50 9.22
C ILE A 42 16.38 -18.39 8.21
N ILE A 43 15.22 -18.40 7.55
CA ILE A 43 14.90 -17.49 6.46
C ILE A 43 13.57 -16.81 6.77
N TYR A 44 13.60 -15.48 6.83
CA TYR A 44 12.40 -14.67 7.04
C TYR A 44 11.88 -14.19 5.70
N VAL A 45 10.58 -14.36 5.45
CA VAL A 45 9.94 -13.85 4.25
C VAL A 45 9.47 -12.43 4.57
N GLY A 46 10.23 -11.41 4.16
CA GLY A 46 9.80 -10.05 4.39
C GLY A 46 8.70 -9.59 3.47
N SER A 47 8.49 -10.27 2.35
CA SER A 47 7.42 -9.88 1.43
C SER A 47 6.89 -11.10 0.70
N ALA A 48 5.57 -11.33 0.80
CA ALA A 48 4.93 -12.39 0.03
C ALA A 48 4.93 -12.11 -1.46
N GLU A 49 5.10 -10.85 -1.87
CA GLU A 49 5.05 -10.51 -3.29
C GLU A 49 6.28 -11.00 -4.03
N SER A 50 7.46 -10.92 -3.41
CA SER A 50 8.69 -11.30 -4.09
C SER A 50 9.63 -12.01 -3.12
N GLU A 51 10.30 -13.04 -3.63
CA GLU A 51 11.32 -13.73 -2.85
C GLU A 51 12.59 -12.91 -2.70
N GLU A 52 12.75 -11.82 -3.46
CA GLU A 52 13.91 -10.94 -3.32
C GLU A 52 14.06 -10.42 -1.90
N TYR A 53 12.97 -10.36 -1.13
CA TYR A 53 12.97 -9.83 0.23
C TYR A 53 13.02 -10.94 1.27
N ASP A 54 13.66 -12.05 0.95
CA ASP A 54 13.96 -13.07 1.95
C ASP A 54 15.26 -12.69 2.64
N GLN A 55 15.26 -12.75 3.97
CA GLN A 55 16.44 -12.45 4.76
C GLN A 55 16.90 -13.74 5.43
N VAL A 56 18.11 -14.17 5.11
CA VAL A 56 18.72 -15.30 5.81
C VAL A 56 19.26 -14.75 7.13
N LEU A 57 18.53 -15.00 8.22
CA LEU A 57 18.91 -14.45 9.51
C LEU A 57 20.19 -15.07 10.03
N ASP A 58 20.34 -16.38 9.88
CA ASP A 58 21.55 -17.05 10.35
C ASP A 58 21.67 -18.42 9.70
N SER A 59 22.91 -18.90 9.69
CA SER A 59 23.28 -20.19 9.11
C SER A 59 24.31 -20.87 10.01
N VAL A 60 24.09 -22.17 10.24
CA VAL A 60 24.98 -23.01 11.06
C VAL A 60 25.47 -24.15 10.19
N LEU A 61 26.79 -24.26 10.06
CA LEU A 61 27.42 -25.30 9.25
C LEU A 61 28.16 -26.27 10.16
N VAL A 62 27.72 -27.52 10.21
CA VAL A 62 28.37 -28.56 11.00
C VAL A 62 28.79 -29.70 10.09
N GLY A 63 29.83 -30.42 10.51
CA GLY A 63 30.31 -31.55 9.74
C GLY A 63 31.70 -31.99 10.18
N PRO A 64 31.92 -33.31 10.26
CA PRO A 64 30.94 -34.37 10.01
C PRO A 64 29.98 -34.55 11.17
N VAL A 65 28.78 -35.05 10.90
CA VAL A 65 27.76 -35.25 11.92
C VAL A 65 27.71 -36.73 12.25
N PRO A 66 27.90 -37.12 13.51
CA PRO A 66 27.87 -38.55 13.86
C PRO A 66 26.45 -39.06 13.99
N ALA A 67 26.32 -40.37 13.90
CA ALA A 67 25.01 -41.01 14.01
C ALA A 67 24.41 -40.80 15.39
N GLY A 68 23.09 -40.85 15.46
CA GLY A 68 22.38 -40.73 16.71
C GLY A 68 21.47 -39.51 16.73
N ARG A 69 20.87 -39.29 17.89
CA ARG A 69 19.96 -38.17 18.11
C ARG A 69 20.75 -36.93 18.53
N HIS A 70 20.34 -35.77 18.02
CA HIS A 70 20.97 -34.50 18.33
C HIS A 70 19.90 -33.46 18.58
N MET A 71 20.14 -32.59 19.56
CA MET A 71 19.23 -31.50 19.85
C MET A 71 20.03 -30.24 20.09
N PHE A 72 19.58 -29.13 19.50
CA PHE A 72 20.30 -27.88 19.64
C PHE A 72 19.34 -26.71 19.44
N VAL A 73 19.68 -25.57 20.04
CA VAL A 73 18.88 -24.37 19.93
C VAL A 73 19.49 -23.48 18.84
N PHE A 74 18.83 -23.44 17.69
CA PHE A 74 19.18 -22.52 16.62
C PHE A 74 18.62 -21.15 16.97
N GLN A 75 19.49 -20.17 17.19
CA GLN A 75 19.09 -18.81 17.51
C GLN A 75 19.56 -17.88 16.41
N ALA A 76 18.65 -17.01 15.94
CA ALA A 76 18.97 -16.08 14.86
C ALA A 76 18.39 -14.71 15.19
N ASP A 77 19.11 -13.67 14.78
CA ASP A 77 18.65 -12.31 15.03
C ASP A 77 17.40 -12.00 14.20
N ALA A 78 16.61 -11.05 14.70
CA ALA A 78 15.39 -10.64 14.02
C ALA A 78 15.73 -10.04 12.65
N PRO A 79 14.80 -10.10 11.70
CA PRO A 79 15.07 -9.55 10.37
C PRO A 79 15.29 -8.04 10.43
N ASN A 80 16.01 -7.54 9.44
CA ASN A 80 16.26 -6.12 9.30
C ASN A 80 14.99 -5.42 8.83
N PRO A 81 14.36 -4.58 9.65
CA PRO A 81 13.13 -3.92 9.19
C PRO A 81 13.34 -2.99 8.01
N GLY A 82 14.54 -2.43 7.86
CA GLY A 82 14.80 -1.54 6.74
C GLY A 82 14.67 -2.19 5.39
N LEU A 83 14.68 -3.53 5.34
CA LEU A 83 14.55 -4.27 4.10
C LEU A 83 13.14 -4.83 3.89
N ILE A 84 12.25 -4.64 4.85
CA ILE A 84 10.89 -5.18 4.75
C ILE A 84 9.97 -4.14 4.14
N PRO A 85 9.21 -4.46 3.09
CA PRO A 85 8.25 -3.50 2.56
C PRO A 85 7.18 -3.17 3.61
N ASP A 86 6.87 -1.89 3.72
CA ASP A 86 5.97 -1.42 4.77
C ASP A 86 4.63 -2.16 4.74
N ALA A 87 4.10 -2.43 3.54
CA ALA A 87 2.81 -3.10 3.43
C ALA A 87 2.84 -4.52 3.95
N ASP A 88 4.00 -5.15 4.02
CA ASP A 88 4.11 -6.53 4.49
C ASP A 88 4.58 -6.62 5.94
N ALA A 89 4.71 -5.48 6.63
CA ALA A 89 5.27 -5.49 7.97
C ALA A 89 4.26 -5.98 8.99
N VAL A 90 3.04 -5.43 8.97
CA VAL A 90 1.98 -5.79 9.90
C VAL A 90 1.07 -6.81 9.24
N GLY A 91 0.84 -7.92 9.93
CA GLY A 91 0.03 -9.00 9.40
C GLY A 91 0.74 -10.34 9.45
N VAL A 92 0.36 -11.26 8.56
CA VAL A 92 0.90 -12.61 8.53
C VAL A 92 2.01 -12.68 7.50
N THR A 93 3.07 -13.42 7.84
CA THR A 93 4.16 -13.73 6.93
C THR A 93 4.70 -15.11 7.30
N VAL A 94 5.84 -15.49 6.73
CA VAL A 94 6.38 -16.84 6.90
C VAL A 94 7.82 -16.78 7.41
N VAL A 95 8.14 -17.70 8.31
CA VAL A 95 9.52 -17.98 8.68
C VAL A 95 9.82 -19.43 8.32
N LEU A 96 11.07 -19.70 7.96
CA LEU A 96 11.49 -20.99 7.44
C LEU A 96 12.76 -21.45 8.14
N ILE A 97 12.82 -22.75 8.41
CA ILE A 97 14.04 -23.42 8.85
C ILE A 97 14.39 -24.40 7.74
N THR A 98 15.51 -24.19 7.08
CA THR A 98 15.97 -25.05 6.00
C THR A 98 17.14 -25.88 6.50
N CYS A 99 17.21 -27.14 6.08
CA CYS A 99 18.41 -27.93 6.30
C CYS A 99 18.93 -28.47 4.99
N THR A 100 20.25 -28.43 4.85
CA THR A 100 20.93 -28.77 3.61
C THR A 100 22.00 -29.80 3.90
N TYR A 101 22.06 -30.84 3.08
CA TYR A 101 23.11 -31.86 3.15
C TYR A 101 23.79 -31.95 1.80
N ARG A 102 25.12 -31.77 1.81
CA ARG A 102 25.93 -31.83 0.58
C ARG A 102 25.44 -30.81 -0.45
N GLY A 103 24.98 -29.65 0.04
CA GLY A 103 24.52 -28.59 -0.83
C GLY A 103 23.08 -28.69 -1.29
N GLN A 104 22.41 -29.80 -0.99
CA GLN A 104 21.04 -30.04 -1.44
C GLN A 104 20.09 -29.89 -0.25
N GLU A 105 19.13 -28.97 -0.38
CA GLU A 105 18.12 -28.79 0.66
C GLU A 105 17.19 -30.00 0.68
N PHE A 106 17.13 -30.69 1.84
CA PHE A 106 16.28 -31.86 1.97
C PHE A 106 15.08 -31.66 2.87
N ILE A 107 15.06 -30.63 3.72
CA ILE A 107 13.88 -30.35 4.52
C ILE A 107 13.72 -28.84 4.69
N ARG A 108 12.45 -28.40 4.66
CA ARG A 108 12.10 -26.99 4.79
C ARG A 108 10.88 -26.92 5.72
N VAL A 109 11.10 -26.43 6.94
CA VAL A 109 10.01 -26.26 7.90
C VAL A 109 9.50 -24.83 7.81
N GLY A 110 8.20 -24.67 7.79
CA GLY A 110 7.60 -23.35 7.64
C GLY A 110 6.59 -23.07 8.73
N TYR A 111 6.64 -21.84 9.23
CA TYR A 111 5.72 -21.36 10.24
C TYR A 111 5.11 -20.05 9.78
N TYR A 112 3.81 -19.89 10.02
CA TYR A 112 3.18 -18.59 9.92
C TYR A 112 3.56 -17.75 11.14
N VAL A 113 3.84 -16.47 10.91
CA VAL A 113 4.15 -15.54 11.98
C VAL A 113 3.29 -14.31 11.81
N ASN A 114 2.66 -13.86 12.89
CA ASN A 114 1.72 -12.76 12.87
C ASN A 114 2.33 -11.61 13.66
N ASN A 115 2.76 -10.56 12.95
CA ASN A 115 3.28 -9.36 13.59
C ASN A 115 2.13 -8.36 13.73
N GLU A 116 1.81 -7.99 14.97
CA GLU A 116 0.69 -7.09 15.23
C GLU A 116 1.06 -6.13 16.36
N TYR A 117 0.29 -5.05 16.47
CA TYR A 117 0.45 -4.10 17.56
C TYR A 117 -0.30 -4.58 18.79
N THR A 118 0.26 -4.28 19.96
CA THR A 118 -0.34 -4.68 21.23
C THR A 118 -1.22 -3.58 21.82
N GLU A 119 -0.80 -2.33 21.70
CA GLU A 119 -1.65 -1.22 22.14
C GLU A 119 -2.86 -1.12 21.22
N THR A 120 -4.06 -1.05 21.82
CA THR A 120 -5.28 -1.03 21.03
C THR A 120 -5.38 0.23 20.18
N GLU A 121 -4.86 1.35 20.67
CA GLU A 121 -4.84 2.56 19.86
C GLU A 121 -4.04 2.35 18.58
N LEU A 122 -2.86 1.73 18.69
CA LEU A 122 -2.06 1.47 17.50
C LEU A 122 -2.70 0.42 16.61
N ARG A 123 -3.35 -0.58 17.22
CA ARG A 123 -4.01 -1.60 16.42
C ARG A 123 -5.15 -1.01 15.61
N GLU A 124 -5.89 -0.06 16.18
CA GLU A 124 -7.01 0.54 15.47
C GLU A 124 -6.56 1.60 14.47
N ASN A 125 -5.55 2.40 14.81
CA ASN A 125 -5.01 3.43 13.92
C ASN A 125 -3.52 3.16 13.76
N PRO A 126 -3.15 2.21 12.91
CA PRO A 126 -1.73 1.90 12.71
C PRO A 126 -1.02 3.05 12.03
N PRO A 127 0.21 3.36 12.46
CA PRO A 127 0.95 4.46 11.83
C PRO A 127 1.27 4.16 10.37
N VAL A 128 1.49 5.23 9.61
CA VAL A 128 1.77 5.08 8.17
C VAL A 128 3.03 4.24 7.97
N LYS A 129 4.08 4.54 8.72
CA LYS A 129 5.31 3.77 8.70
C LYS A 129 5.33 2.83 9.89
N PRO A 130 5.50 1.53 9.68
CA PRO A 130 5.34 0.56 10.78
C PRO A 130 6.36 0.78 11.89
N ASP A 131 5.88 0.66 13.13
CA ASP A 131 6.69 0.81 14.34
C ASP A 131 7.06 -0.58 14.85
N PHE A 132 8.23 -1.06 14.44
CA PHE A 132 8.66 -2.40 14.82
C PHE A 132 8.98 -2.51 16.30
N SER A 133 9.29 -1.39 16.95
CA SER A 133 9.46 -1.42 18.40
C SER A 133 8.15 -1.69 19.12
N LYS A 134 7.02 -1.42 18.47
CA LYS A 134 5.71 -1.71 19.04
C LYS A 134 5.08 -2.96 18.46
N LEU A 135 5.64 -3.51 17.39
CA LEU A 135 5.14 -4.78 16.85
C LEU A 135 5.49 -5.94 17.77
N GLN A 136 4.55 -6.87 17.92
CA GLN A 136 4.78 -8.12 18.63
C GLN A 136 4.70 -9.28 17.63
N ARG A 137 5.70 -10.16 17.67
CA ARG A 137 5.75 -11.31 16.77
C ARG A 137 5.17 -12.53 17.47
N ASN A 138 4.16 -13.13 16.85
CA ASN A 138 3.54 -14.35 17.36
C ASN A 138 3.66 -15.42 16.28
N ILE A 139 4.56 -16.36 16.47
CA ILE A 139 4.76 -17.46 15.54
C ILE A 139 3.65 -18.48 15.75
N LEU A 140 2.92 -18.81 14.68
CA LEU A 140 1.87 -19.82 14.73
C LEU A 140 2.55 -21.20 14.80
N ALA A 141 3.09 -21.51 15.98
CA ALA A 141 3.94 -22.69 16.15
C ALA A 141 3.15 -23.98 16.15
N SER A 142 1.87 -23.95 16.47
CA SER A 142 1.06 -25.17 16.54
C SER A 142 0.79 -25.78 15.18
N ASN A 143 1.04 -25.06 14.08
CA ASN A 143 0.78 -25.55 12.73
C ASN A 143 2.04 -25.46 11.88
N PRO A 144 3.01 -26.33 12.11
CA PRO A 144 4.20 -26.35 11.24
C PRO A 144 3.91 -27.05 9.92
N ARG A 145 4.67 -26.68 8.90
CA ARG A 145 4.62 -27.35 7.60
C ARG A 145 6.02 -27.86 7.29
N VAL A 146 6.20 -29.18 7.29
CA VAL A 146 7.51 -29.75 7.00
C VAL A 146 7.50 -30.27 5.56
N THR A 147 8.35 -29.72 4.71
CA THR A 147 8.41 -30.13 3.31
C THR A 147 9.71 -30.90 3.12
N ARG A 148 9.58 -32.18 2.83
CA ARG A 148 10.72 -33.05 2.59
C ARG A 148 10.97 -33.15 1.08
N PHE A 149 12.25 -33.03 0.71
CA PHE A 149 12.69 -33.14 -0.68
C PHE A 149 13.64 -34.32 -0.81
N HIS A 150 13.58 -35.00 -1.94
CA HIS A 150 14.49 -36.12 -2.20
C HIS A 150 15.84 -35.57 -2.65
N ILE A 151 16.90 -35.95 -1.93
CA ILE A 151 18.27 -35.58 -2.28
C ILE A 151 19.12 -36.84 -2.34
N ASN A 152 20.30 -36.70 -2.94
CA ASN A 152 21.26 -37.79 -3.04
C ASN A 152 22.12 -37.80 -1.78
N TRP A 153 21.92 -38.79 -0.92
CA TRP A 153 22.68 -38.92 0.32
C TRP A 153 23.99 -39.67 0.14
N GLU A 154 24.39 -39.94 -1.10
CA GLU A 154 25.62 -40.67 -1.40
C GLU A 154 25.62 -42.05 -0.75
N ARG B 41 -32.41 -38.05 9.01
CA ARG B 41 -31.23 -37.57 9.74
C ARG B 41 -31.27 -36.07 9.92
N TYR B 42 -30.39 -35.57 10.78
CA TYR B 42 -30.23 -34.14 11.00
C TYR B 42 -28.98 -33.66 10.29
N ARG B 43 -29.13 -32.63 9.47
CA ARG B 43 -28.00 -32.03 8.79
C ARG B 43 -27.89 -30.56 9.18
N PRO B 44 -26.68 -30.03 9.30
CA PRO B 44 -26.52 -28.59 9.53
C PRO B 44 -26.95 -27.80 8.30
N GLY B 45 -27.33 -26.56 8.55
CA GLY B 45 -27.77 -25.69 7.48
C GLY B 45 -26.66 -25.39 6.49
N THR B 46 -27.05 -24.79 5.37
CA THR B 46 -26.08 -24.45 4.33
C THR B 46 -25.08 -23.41 4.84
N VAL B 47 -25.57 -22.44 5.62
CA VAL B 47 -24.69 -21.40 6.17
C VAL B 47 -23.62 -22.03 7.06
N ALA B 48 -23.98 -23.04 7.83
CA ALA B 48 -22.99 -23.74 8.64
C ALA B 48 -22.02 -24.54 7.78
N LEU B 49 -22.54 -25.20 6.73
CA LEU B 49 -21.70 -26.00 5.86
C LEU B 49 -20.74 -25.15 5.04
N ARG B 50 -21.02 -23.85 4.88
CA ARG B 50 -20.06 -22.97 4.23
C ARG B 50 -18.81 -22.77 5.08
N GLU B 51 -18.87 -23.09 6.36
CA GLU B 51 -17.76 -22.89 7.28
C GLU B 51 -16.74 -24.01 7.24
N ILE B 52 -17.10 -25.18 6.72
CA ILE B 52 -16.20 -26.32 6.72
C ILE B 52 -15.65 -26.57 5.32
N ARG B 53 -14.85 -27.62 5.19
CA ARG B 53 -14.25 -28.03 3.93
C ARG B 53 -15.22 -28.95 3.19
N ARG B 54 -15.51 -28.62 1.93
CA ARG B 54 -16.43 -29.44 1.15
C ARG B 54 -15.94 -30.87 1.05
N TYR B 55 -16.85 -31.82 1.29
CA TYR B 55 -16.49 -33.23 1.27
C TYR B 55 -16.09 -33.66 -0.14
N GLN B 56 -15.01 -34.44 -0.22
CA GLN B 56 -14.50 -34.89 -1.52
C GLN B 56 -15.19 -36.18 -1.93
N LYS B 57 -15.71 -36.20 -3.14
CA LYS B 57 -16.25 -37.42 -3.74
C LYS B 57 -15.11 -38.16 -4.43
N SER B 58 -15.03 -39.46 -4.18
CA SER B 58 -13.89 -40.23 -4.67
C SER B 58 -13.81 -40.21 -6.20
N THR B 59 -14.95 -40.40 -6.86
CA THR B 59 -14.94 -40.50 -8.32
C THR B 59 -14.71 -39.15 -8.99
N GLU B 60 -15.21 -38.07 -8.42
CA GLU B 60 -15.23 -36.79 -9.13
C GLU B 60 -13.84 -36.16 -9.22
N LEU B 61 -13.52 -35.61 -10.38
CA LEU B 61 -12.33 -34.80 -10.60
C LEU B 61 -12.76 -33.36 -10.85
N LEU B 62 -12.18 -32.43 -10.10
CA LEU B 62 -12.69 -31.07 -10.08
C LEU B 62 -12.20 -30.22 -11.25
N ILE B 63 -11.14 -30.65 -11.94
CA ILE B 63 -10.59 -29.90 -13.07
C ILE B 63 -11.06 -30.58 -14.34
N ARG B 64 -11.74 -29.81 -15.20
CA ARG B 64 -12.29 -30.37 -16.43
C ARG B 64 -11.18 -30.82 -17.36
N LYS B 65 -11.41 -31.94 -18.05
CA LYS B 65 -10.32 -32.65 -18.72
C LYS B 65 -9.83 -31.92 -19.97
N LEU B 66 -10.75 -31.40 -20.79
CA LEU B 66 -10.34 -30.96 -22.13
C LEU B 66 -9.51 -29.68 -22.12
N PRO B 67 -9.93 -28.57 -21.48
CA PRO B 67 -9.05 -27.40 -21.46
C PRO B 67 -7.76 -27.64 -20.67
N PHE B 68 -7.82 -28.46 -19.62
CA PHE B 68 -6.59 -28.81 -18.91
C PHE B 68 -5.62 -29.55 -19.82
N GLN B 69 -6.13 -30.49 -20.61
CA GLN B 69 -5.27 -31.23 -21.53
C GLN B 69 -4.70 -30.31 -22.59
N ARG B 70 -5.49 -29.34 -23.05
CA ARG B 70 -4.95 -28.38 -24.01
C ARG B 70 -3.83 -27.56 -23.39
N LEU B 71 -3.99 -27.16 -22.13
CA LEU B 71 -2.91 -26.42 -21.46
C LEU B 71 -1.66 -27.29 -21.31
N VAL B 72 -1.84 -28.57 -20.96
CA VAL B 72 -0.70 -29.47 -20.81
C VAL B 72 0.04 -29.61 -22.14
N ARG B 73 -0.71 -29.84 -23.22
CA ARG B 73 -0.10 -29.98 -24.53
C ARG B 73 0.56 -28.68 -24.99
N GLU B 74 -0.01 -27.53 -24.60
CA GLU B 74 0.60 -26.26 -24.96
C GLU B 74 1.93 -26.06 -24.24
N ILE B 75 2.00 -26.44 -22.96
CA ILE B 75 3.27 -26.36 -22.23
C ILE B 75 4.29 -27.32 -22.84
N ALA B 76 3.84 -28.52 -23.22
CA ALA B 76 4.76 -29.47 -23.85
C ALA B 76 5.29 -28.93 -25.17
N GLN B 77 4.42 -28.29 -25.96
CA GLN B 77 4.85 -27.67 -27.21
C GLN B 77 5.82 -26.52 -26.94
N ASP B 78 5.56 -25.74 -25.88
CA ASP B 78 6.50 -24.68 -25.50
C ASP B 78 7.84 -25.24 -25.09
N PHE B 79 7.90 -26.51 -24.67
CA PHE B 79 9.18 -27.15 -24.38
C PHE B 79 9.85 -27.74 -25.61
N LYS B 80 9.53 -27.23 -26.80
CA LYS B 80 10.19 -27.59 -28.05
C LYS B 80 10.23 -29.10 -28.26
N THR B 81 9.08 -29.74 -28.10
CA THR B 81 9.02 -31.19 -28.13
C THR B 81 7.65 -31.63 -28.64
N ASP B 82 7.66 -32.66 -29.49
CA ASP B 82 6.49 -33.13 -30.23
C ASP B 82 5.80 -34.29 -29.53
N LEU B 83 6.09 -34.50 -28.26
CA LEU B 83 5.57 -35.66 -27.54
C LEU B 83 4.08 -35.52 -27.26
N ARG B 84 3.38 -36.65 -27.33
CA ARG B 84 1.97 -36.72 -26.99
C ARG B 84 1.81 -37.32 -25.60
N PHE B 85 0.75 -36.90 -24.93
CA PHE B 85 0.48 -37.32 -23.56
C PHE B 85 -0.61 -38.39 -23.57
N GLN B 86 -0.38 -39.47 -22.84
CA GLN B 86 -1.38 -40.51 -22.72
C GLN B 86 -2.48 -40.06 -21.76
N SER B 87 -3.67 -40.65 -21.93
CA SER B 87 -4.79 -40.30 -21.07
C SER B 87 -4.49 -40.61 -19.61
N SER B 88 -3.79 -41.72 -19.35
CA SER B 88 -3.36 -42.01 -17.99
C SER B 88 -2.46 -40.90 -17.44
N ALA B 89 -1.56 -40.39 -18.27
CA ALA B 89 -0.65 -39.34 -17.83
C ALA B 89 -1.37 -38.02 -17.57
N VAL B 90 -2.31 -37.66 -18.44
CA VAL B 90 -3.04 -36.40 -18.22
C VAL B 90 -3.98 -36.54 -17.04
N MET B 91 -4.51 -37.74 -16.77
CA MET B 91 -5.33 -37.93 -15.59
C MET B 91 -4.49 -37.86 -14.32
N ALA B 92 -3.27 -38.40 -14.37
CA ALA B 92 -2.36 -38.27 -13.23
C ALA B 92 -2.02 -36.81 -12.99
N LEU B 93 -1.77 -36.05 -14.06
CA LEU B 93 -1.50 -34.62 -13.92
C LEU B 93 -2.71 -33.88 -13.36
N GLN B 94 -3.91 -34.25 -13.81
CA GLN B 94 -5.13 -33.64 -13.29
C GLN B 94 -5.24 -33.87 -11.78
N GLU B 95 -5.10 -35.13 -11.36
CA GLU B 95 -5.23 -35.45 -9.94
C GLU B 95 -4.14 -34.76 -9.12
N ALA B 96 -2.92 -34.72 -9.64
CA ALA B 96 -1.83 -34.06 -8.95
C ALA B 96 -2.11 -32.57 -8.78
N CYS B 97 -2.53 -31.91 -9.86
CA CYS B 97 -2.84 -30.49 -9.78
C CYS B 97 -3.99 -30.23 -8.82
N GLU B 98 -5.00 -31.10 -8.83
CA GLU B 98 -6.14 -30.93 -7.95
C GLU B 98 -5.72 -31.03 -6.47
N ALA B 99 -4.95 -32.07 -6.14
CA ALA B 99 -4.47 -32.22 -4.77
C ALA B 99 -3.58 -31.06 -4.36
N TYR B 100 -2.66 -30.65 -5.25
CA TYR B 100 -1.79 -29.53 -4.97
C TYR B 100 -2.60 -28.27 -4.66
N LEU B 101 -3.59 -27.97 -5.50
CA LEU B 101 -4.37 -26.75 -5.30
C LEU B 101 -5.25 -26.85 -4.06
N VAL B 102 -5.80 -28.03 -3.75
CA VAL B 102 -6.66 -28.12 -2.57
C VAL B 102 -5.84 -27.93 -1.30
N GLY B 103 -4.64 -28.51 -1.24
CA GLY B 103 -3.78 -28.27 -0.09
C GLY B 103 -3.34 -26.82 0.00
N LEU B 104 -3.00 -26.22 -1.15
CA LEU B 104 -2.66 -24.81 -1.19
C LEU B 104 -3.79 -23.96 -0.66
N PHE B 105 -5.03 -24.28 -1.04
CA PHE B 105 -6.17 -23.48 -0.61
C PHE B 105 -6.48 -23.70 0.88
N GLU B 106 -6.25 -24.91 1.40
CA GLU B 106 -6.35 -25.12 2.83
C GLU B 106 -5.40 -24.19 3.59
N ASP B 107 -4.13 -24.16 3.19
CA ASP B 107 -3.18 -23.29 3.89
C ASP B 107 -3.46 -21.81 3.61
N THR B 108 -3.99 -21.48 2.43
CA THR B 108 -4.41 -20.12 2.16
C THR B 108 -5.52 -19.69 3.10
N ASN B 109 -6.50 -20.56 3.32
CA ASN B 109 -7.59 -20.24 4.23
C ASN B 109 -7.10 -20.16 5.66
N LEU B 110 -6.09 -20.94 6.04
CA LEU B 110 -5.50 -20.78 7.37
C LEU B 110 -4.84 -19.42 7.52
N CYS B 111 -4.02 -19.05 6.53
CA CYS B 111 -3.37 -17.75 6.54
C CYS B 111 -4.40 -16.61 6.61
N ALA B 112 -5.54 -16.78 5.93
CA ALA B 112 -6.58 -15.75 5.94
C ALA B 112 -7.38 -15.75 7.22
N ILE B 113 -7.57 -16.91 7.86
CA ILE B 113 -8.19 -16.97 9.17
C ILE B 113 -7.37 -16.16 10.16
N HIS B 114 -6.05 -16.36 10.12
CA HIS B 114 -5.20 -15.40 10.82
C HIS B 114 -5.15 -14.10 10.03
N ALA B 115 -4.71 -13.03 10.70
CA ALA B 115 -4.86 -11.66 10.20
C ALA B 115 -6.31 -11.26 10.02
N LYS B 116 -7.25 -12.10 10.45
CA LYS B 116 -8.66 -11.76 10.59
C LYS B 116 -9.25 -11.21 9.28
N ARG B 117 -9.12 -12.00 8.22
CA ARG B 117 -9.68 -11.68 6.92
C ARG B 117 -10.82 -12.64 6.60
N VAL B 118 -11.90 -12.09 6.06
CA VAL B 118 -13.03 -12.92 5.66
C VAL B 118 -12.82 -13.48 4.26
N THR B 119 -12.19 -12.70 3.39
CA THR B 119 -11.93 -13.08 2.00
C THR B 119 -10.45 -13.38 1.83
N ILE B 120 -10.13 -14.49 1.18
CA ILE B 120 -8.72 -14.79 0.92
C ILE B 120 -8.21 -13.88 -0.19
N MET B 121 -6.89 -13.71 -0.22
CA MET B 121 -6.23 -12.76 -1.11
C MET B 121 -5.07 -13.42 -1.80
N PRO B 122 -4.62 -12.85 -2.93
CA PRO B 122 -3.38 -13.33 -3.54
C PRO B 122 -2.20 -13.36 -2.58
N LYS B 123 -2.13 -12.41 -1.65
CA LYS B 123 -1.09 -12.47 -0.63
C LYS B 123 -1.21 -13.74 0.20
N ASP B 124 -2.44 -14.13 0.53
CA ASP B 124 -2.64 -15.38 1.26
C ASP B 124 -2.17 -16.58 0.44
N ILE B 125 -2.49 -16.59 -0.85
CA ILE B 125 -2.04 -17.70 -1.70
C ILE B 125 -0.51 -17.74 -1.75
N GLN B 126 0.13 -16.58 -1.86
CA GLN B 126 1.58 -16.54 -1.96
C GLN B 126 2.24 -16.97 -0.66
N LEU B 127 1.67 -16.56 0.49
CA LEU B 127 2.21 -16.99 1.77
C LEU B 127 2.03 -18.49 1.95
N ALA B 128 0.90 -19.05 1.50
CA ALA B 128 0.72 -20.49 1.54
C ALA B 128 1.78 -21.20 0.70
N ARG B 129 2.02 -20.69 -0.51
CA ARG B 129 3.09 -21.24 -1.34
C ARG B 129 4.42 -21.22 -0.59
N ARG B 130 4.74 -20.09 0.04
CA ARG B 130 6.02 -19.96 0.73
C ARG B 130 6.12 -20.96 1.88
N ILE B 131 5.07 -21.06 2.70
CA ILE B 131 5.14 -21.92 3.89
C ILE B 131 5.11 -23.39 3.51
N ARG B 132 4.54 -23.73 2.35
CA ARG B 132 4.53 -25.12 1.90
C ARG B 132 5.80 -25.49 1.15
N GLY B 133 6.92 -24.85 1.51
CA GLY B 133 8.22 -25.22 0.98
C GLY B 133 8.49 -24.84 -0.45
N GLU B 134 7.58 -24.15 -1.12
CA GLU B 134 7.79 -23.78 -2.51
C GLU B 134 8.87 -22.72 -2.63
N ARG B 135 9.74 -22.89 -3.61
CA ARG B 135 10.89 -22.02 -3.81
C ARG B 135 11.06 -21.75 -5.30
N ALA B 136 11.36 -20.50 -5.65
CA ALA B 136 11.56 -20.12 -7.04
C ALA B 136 12.87 -20.72 -7.56
N ARG C 23 -0.80 -13.55 -27.35
CA ARG C 23 -1.67 -14.11 -28.37
C ARG C 23 -2.55 -15.22 -27.80
N ASP C 24 -1.91 -16.21 -27.18
CA ASP C 24 -2.60 -17.34 -26.57
C ASP C 24 -2.56 -17.18 -25.05
N ASN C 25 -3.73 -17.03 -24.44
CA ASN C 25 -3.87 -17.03 -22.99
C ASN C 25 -4.60 -18.30 -22.58
N ILE C 26 -4.17 -19.42 -23.16
CA ILE C 26 -4.81 -20.71 -22.93
C ILE C 26 -4.77 -21.03 -21.44
N GLN C 27 -5.94 -21.28 -20.87
CA GLN C 27 -6.06 -21.68 -19.48
C GLN C 27 -6.48 -23.15 -19.42
N GLY C 28 -6.05 -23.83 -18.35
CA GLY C 28 -6.38 -25.22 -18.17
C GLY C 28 -7.43 -25.45 -17.11
N ILE C 29 -7.75 -24.42 -16.34
CA ILE C 29 -8.68 -24.52 -15.23
C ILE C 29 -9.71 -23.41 -15.34
N THR C 30 -10.96 -23.73 -15.03
CA THR C 30 -12.05 -22.77 -15.12
C THR C 30 -12.30 -22.12 -13.76
N LYS C 31 -13.03 -21.01 -13.80
CA LYS C 31 -13.35 -20.28 -12.56
C LYS C 31 -14.29 -21.08 -11.65
N PRO C 32 -15.31 -21.77 -12.18
CA PRO C 32 -16.05 -22.70 -11.31
C PRO C 32 -15.18 -23.77 -10.68
N ALA C 33 -14.21 -24.31 -11.44
CA ALA C 33 -13.30 -25.29 -10.88
C ALA C 33 -12.45 -24.68 -9.77
N ILE C 34 -12.00 -23.44 -9.97
CA ILE C 34 -11.25 -22.75 -8.92
C ILE C 34 -12.10 -22.59 -7.67
N ARG C 35 -13.37 -22.25 -7.85
CA ARG C 35 -14.26 -22.10 -6.70
C ARG C 35 -14.47 -23.43 -5.98
N ARG C 36 -14.62 -24.52 -6.75
CA ARG C 36 -14.80 -25.84 -6.14
C ARG C 36 -13.56 -26.27 -5.37
N LEU C 37 -12.37 -26.01 -5.93
CA LEU C 37 -11.14 -26.34 -5.23
C LEU C 37 -10.97 -25.48 -3.98
N ALA C 38 -11.34 -24.20 -4.05
CA ALA C 38 -11.26 -23.36 -2.87
C ALA C 38 -12.19 -23.85 -1.78
N ARG C 39 -13.39 -24.27 -2.15
CA ARG C 39 -14.30 -24.81 -1.14
C ARG C 39 -13.76 -26.10 -0.53
N ARG C 40 -13.21 -27.00 -1.37
CA ARG C 40 -12.56 -28.19 -0.82
C ARG C 40 -11.41 -27.81 0.10
N GLY C 41 -10.73 -26.69 -0.17
CA GLY C 41 -9.76 -26.19 0.78
C GLY C 41 -10.37 -25.52 2.00
N GLY C 42 -11.66 -25.24 1.97
CA GLY C 42 -12.34 -24.62 3.09
C GLY C 42 -12.51 -23.13 2.98
N VAL C 43 -12.13 -22.53 1.84
CA VAL C 43 -12.29 -21.10 1.65
C VAL C 43 -13.77 -20.77 1.54
N LYS C 44 -14.17 -19.69 2.23
CA LYS C 44 -15.55 -19.21 2.24
C LYS C 44 -15.79 -18.08 1.26
N ARG C 45 -14.81 -17.21 1.06
CA ARG C 45 -14.93 -16.08 0.15
C ARG C 45 -13.61 -15.85 -0.57
N ILE C 46 -13.67 -15.64 -1.88
CA ILE C 46 -12.47 -15.38 -2.68
C ILE C 46 -12.58 -14.00 -3.30
N SER C 47 -11.42 -13.36 -3.46
CA SER C 47 -11.33 -12.07 -4.13
C SER C 47 -11.30 -12.27 -5.64
N GLY C 48 -11.43 -11.17 -6.37
CA GLY C 48 -11.41 -11.26 -7.82
C GLY C 48 -10.07 -11.75 -8.36
N LEU C 49 -8.97 -11.23 -7.81
CA LEU C 49 -7.64 -11.60 -8.27
C LEU C 49 -7.28 -13.05 -7.95
N ILE C 50 -8.11 -13.75 -7.17
CA ILE C 50 -7.79 -15.13 -6.81
C ILE C 50 -7.75 -16.00 -8.06
N TYR C 51 -8.63 -15.74 -9.03
CA TYR C 51 -8.65 -16.54 -10.25
C TYR C 51 -7.32 -16.46 -10.99
N GLU C 52 -6.85 -15.24 -11.26
CA GLU C 52 -5.60 -15.08 -11.99
C GLU C 52 -4.42 -15.60 -11.18
N GLU C 53 -4.43 -15.39 -9.86
CA GLU C 53 -3.35 -15.90 -9.02
C GLU C 53 -3.29 -17.43 -9.08
N THR C 54 -4.44 -18.08 -8.93
CA THR C 54 -4.52 -19.54 -8.99
C THR C 54 -4.07 -20.05 -10.34
N ARG C 55 -4.47 -19.37 -11.42
CA ARG C 55 -4.04 -19.78 -12.75
C ARG C 55 -2.52 -19.69 -12.90
N GLY C 56 -1.93 -18.61 -12.37
CA GLY C 56 -0.48 -18.48 -12.45
C GLY C 56 0.26 -19.57 -11.68
N VAL C 57 -0.17 -19.82 -10.44
CA VAL C 57 0.51 -20.84 -9.64
C VAL C 57 0.34 -22.22 -10.27
N LEU C 58 -0.86 -22.50 -10.81
CA LEU C 58 -1.07 -23.78 -11.48
C LEU C 58 -0.17 -23.91 -12.70
N LYS C 59 0.02 -22.81 -13.44
CA LYS C 59 0.91 -22.86 -14.59
C LYS C 59 2.35 -23.13 -14.18
N VAL C 60 2.80 -22.51 -13.08
CA VAL C 60 4.15 -22.76 -12.61
C VAL C 60 4.33 -24.22 -12.22
N PHE C 61 3.36 -24.75 -11.47
CA PHE C 61 3.42 -26.14 -11.03
C PHE C 61 3.45 -27.09 -12.23
N LEU C 62 2.54 -26.88 -13.18
CA LEU C 62 2.49 -27.73 -14.38
C LEU C 62 3.77 -27.60 -15.18
N GLU C 63 4.35 -26.40 -15.25
CA GLU C 63 5.60 -26.22 -15.97
C GLU C 63 6.71 -27.07 -15.36
N ASN C 64 6.86 -27.00 -14.03
CA ASN C 64 7.90 -27.78 -13.37
C ASN C 64 7.68 -29.28 -13.58
N VAL C 65 6.45 -29.75 -13.35
CA VAL C 65 6.19 -31.18 -13.44
C VAL C 65 6.37 -31.68 -14.87
N ILE C 66 5.88 -30.92 -15.86
CA ILE C 66 5.99 -31.32 -17.26
C ILE C 66 7.44 -31.29 -17.70
N ARG C 67 8.22 -30.30 -17.24
CA ARG C 67 9.63 -30.26 -17.57
C ARG C 67 10.35 -31.51 -17.05
N ASP C 68 10.08 -31.87 -15.80
CA ASP C 68 10.71 -33.06 -15.24
C ASP C 68 10.28 -34.33 -15.98
N ALA C 69 8.99 -34.42 -16.33
CA ALA C 69 8.50 -35.62 -17.01
C ALA C 69 9.06 -35.75 -18.41
N VAL C 70 9.12 -34.64 -19.15
CA VAL C 70 9.70 -34.66 -20.49
C VAL C 70 11.19 -34.95 -20.42
N THR C 71 11.88 -34.45 -19.39
CA THR C 71 13.28 -34.79 -19.20
C THR C 71 13.44 -36.30 -19.00
N TYR C 72 12.61 -36.89 -18.13
CA TYR C 72 12.67 -38.33 -17.90
C TYR C 72 12.39 -39.07 -19.21
N THR C 73 11.39 -38.62 -19.97
CA THR C 73 11.02 -39.31 -21.19
C THR C 73 12.12 -39.22 -22.25
N GLU C 74 12.71 -38.04 -22.43
CA GLU C 74 13.81 -37.89 -23.37
C GLU C 74 15.08 -38.61 -22.95
N HIS C 75 15.31 -38.76 -21.65
CA HIS C 75 16.40 -39.61 -21.19
C HIS C 75 16.13 -41.07 -21.55
N ALA C 76 14.90 -41.54 -21.30
CA ALA C 76 14.51 -42.90 -21.64
C ALA C 76 14.38 -43.12 -23.14
N LYS C 77 14.53 -42.07 -23.96
CA LYS C 77 14.51 -42.15 -25.42
C LYS C 77 13.15 -42.59 -25.96
N ARG C 78 12.08 -42.27 -25.24
CA ARG C 78 10.72 -42.54 -25.69
C ARG C 78 10.11 -41.27 -26.28
N LYS C 79 9.14 -41.46 -27.16
CA LYS C 79 8.43 -40.37 -27.82
C LYS C 79 7.08 -40.04 -27.17
N THR C 80 6.65 -40.82 -26.19
CA THR C 80 5.36 -40.60 -25.52
C THR C 80 5.56 -40.63 -24.02
N VAL C 81 5.20 -39.52 -23.37
CA VAL C 81 5.26 -39.44 -21.91
C VAL C 81 4.12 -40.27 -21.33
N THR C 82 4.43 -41.09 -20.33
CA THR C 82 3.46 -41.98 -19.73
C THR C 82 3.20 -41.58 -18.28
N ALA C 83 2.15 -42.18 -17.71
CA ALA C 83 1.82 -41.91 -16.31
C ALA C 83 2.95 -42.22 -15.33
N MET C 84 3.78 -43.22 -15.64
CA MET C 84 4.92 -43.51 -14.79
C MET C 84 5.93 -42.37 -14.88
N ASP C 85 6.13 -41.82 -16.07
CA ASP C 85 6.95 -40.62 -16.21
C ASP C 85 6.39 -39.48 -15.36
N VAL C 86 5.06 -39.33 -15.36
CA VAL C 86 4.44 -38.28 -14.57
C VAL C 86 4.64 -38.48 -13.08
N VAL C 87 4.52 -39.72 -12.60
CA VAL C 87 4.74 -40.01 -11.19
C VAL C 87 6.19 -39.75 -10.80
N TYR C 88 7.13 -40.15 -11.67
CA TYR C 88 8.54 -39.89 -11.40
C TYR C 88 8.82 -38.39 -11.30
N ALA C 89 8.18 -37.61 -12.16
CA ALA C 89 8.34 -36.16 -12.10
C ALA C 89 7.67 -35.57 -10.86
N LEU C 90 6.56 -36.16 -10.42
CA LEU C 90 5.85 -35.65 -9.25
C LEU C 90 6.64 -35.91 -7.97
N LYS C 91 7.34 -37.04 -7.91
CA LYS C 91 8.16 -37.33 -6.73
C LYS C 91 9.25 -36.27 -6.53
N ARG C 92 9.66 -35.57 -7.59
CA ARG C 92 10.68 -34.54 -7.49
C ARG C 92 10.16 -33.23 -6.94
N GLN C 93 8.85 -33.06 -6.78
CA GLN C 93 8.30 -31.76 -6.40
C GLN C 93 8.46 -31.48 -4.91
N GLY C 94 8.54 -32.52 -4.08
CA GLY C 94 8.63 -32.30 -2.64
C GLY C 94 7.30 -32.52 -1.96
N ARG C 95 7.32 -33.08 -0.76
CA ARG C 95 6.12 -33.52 -0.06
C ARG C 95 5.94 -32.73 1.22
N THR C 96 4.77 -32.12 1.40
CA THR C 96 4.48 -31.30 2.57
C THR C 96 3.64 -32.09 3.56
N LEU C 97 4.16 -32.26 4.77
CA LEU C 97 3.50 -32.91 5.88
C LEU C 97 3.11 -31.87 6.92
N TYR C 98 2.09 -32.21 7.70
CA TYR C 98 1.48 -31.30 8.68
C TYR C 98 1.97 -31.60 10.09
N GLY C 99 3.25 -31.93 10.22
CA GLY C 99 3.82 -32.32 11.49
C GLY C 99 5.09 -33.11 11.26
N PHE C 100 5.77 -33.42 12.36
CA PHE C 100 7.08 -34.04 12.27
C PHE C 100 7.03 -35.55 12.32
N GLY C 101 6.15 -36.12 13.15
CA GLY C 101 6.10 -37.57 13.30
C GLY C 101 5.48 -38.31 12.13
N GLY C 102 4.83 -37.61 11.22
CA GLY C 102 4.17 -38.24 10.10
C GLY C 102 5.10 -38.71 9.00
N ASP D 3 -32.58 -29.47 27.74
CA ASP D 3 -31.12 -29.40 27.63
C ASP D 3 -30.49 -30.63 28.30
N SER D 4 -30.98 -30.97 29.48
CA SER D 4 -30.51 -32.18 30.16
C SER D 4 -30.80 -33.42 29.33
N GLU D 5 -31.94 -33.42 28.63
CA GLU D 5 -32.26 -34.55 27.75
C GLU D 5 -31.25 -34.68 26.63
N ALA D 6 -30.62 -33.58 26.22
CA ALA D 6 -29.57 -33.68 25.20
C ALA D 6 -28.36 -34.44 25.72
N LYS D 7 -27.94 -34.16 26.95
CA LYS D 7 -26.85 -34.94 27.55
C LYS D 7 -27.25 -36.39 27.79
N LYS D 8 -28.52 -36.63 28.14
CA LYS D 8 -29.01 -38.00 28.25
C LYS D 8 -28.92 -38.71 26.91
N LEU D 9 -29.31 -38.03 25.83
CA LEU D 9 -29.16 -38.57 24.49
C LEU D 9 -27.70 -38.89 24.17
N LEU D 10 -26.80 -37.98 24.55
CA LEU D 10 -25.37 -38.21 24.31
C LEU D 10 -24.89 -39.47 25.00
N GLY D 11 -25.25 -39.63 26.28
CA GLY D 11 -24.86 -40.84 27.01
C GLY D 11 -25.47 -42.09 26.43
N LEU D 12 -26.75 -42.02 26.04
CA LEU D 12 -27.39 -43.17 25.42
C LEU D 12 -26.71 -43.55 24.12
N GLY D 13 -26.35 -42.56 23.31
CA GLY D 13 -25.66 -42.85 22.06
C GLY D 13 -24.29 -43.47 22.28
N GLN D 14 -23.55 -42.97 23.28
CA GLN D 14 -22.25 -43.56 23.58
C GLN D 14 -22.40 -45.01 24.03
N LYS D 15 -23.36 -45.27 24.91
CA LYS D 15 -23.59 -46.64 25.38
C LYS D 15 -24.02 -47.55 24.24
N HIS D 16 -24.82 -47.02 23.30
CA HIS D 16 -25.25 -47.82 22.16
C HIS D 16 -24.09 -48.10 21.22
N LEU D 17 -23.21 -47.12 21.01
CA LEU D 17 -22.04 -47.34 20.18
C LEU D 17 -21.15 -48.42 20.78
N VAL D 18 -20.95 -48.37 22.11
CA VAL D 18 -20.17 -49.42 22.76
C VAL D 18 -20.88 -50.76 22.71
N MET D 19 -22.22 -50.76 22.78
CA MET D 19 -22.97 -52.00 22.71
C MET D 19 -22.90 -52.63 21.33
N GLY D 20 -22.75 -51.81 20.29
CA GLY D 20 -22.74 -52.28 18.92
C GLY D 20 -24.01 -51.99 18.14
N ASP D 21 -25.02 -51.42 18.78
CA ASP D 21 -26.25 -51.00 18.10
C ASP D 21 -26.00 -49.65 17.45
N ILE D 22 -25.30 -49.69 16.31
CA ILE D 22 -24.92 -48.45 15.64
C ILE D 22 -26.11 -47.64 15.17
N PRO D 23 -27.19 -48.23 14.62
CA PRO D 23 -28.36 -47.40 14.26
C PRO D 23 -28.93 -46.60 15.43
N ALA D 24 -29.11 -47.22 16.59
CA ALA D 24 -29.63 -46.49 17.74
C ALA D 24 -28.67 -45.41 18.20
N ALA D 25 -27.37 -45.68 18.13
CA ALA D 25 -26.39 -44.65 18.45
C ALA D 25 -26.50 -43.46 17.50
N VAL D 26 -26.64 -43.74 16.20
CA VAL D 26 -26.80 -42.66 15.23
C VAL D 26 -28.05 -41.86 15.53
N ASN D 27 -29.15 -42.54 15.87
CA ASN D 27 -30.40 -41.83 16.16
C ASN D 27 -30.26 -40.92 17.37
N ALA D 28 -29.67 -41.45 18.46
CA ALA D 28 -29.52 -40.65 19.67
C ALA D 28 -28.60 -39.46 19.43
N PHE D 29 -27.47 -39.69 18.77
CA PHE D 29 -26.54 -38.61 18.50
C PHE D 29 -27.14 -37.57 17.56
N GLN D 30 -27.94 -38.01 16.58
CA GLN D 30 -28.60 -37.08 15.69
C GLN D 30 -29.59 -36.20 16.44
N GLU D 31 -30.39 -36.80 17.34
CA GLU D 31 -31.32 -36.00 18.13
C GLU D 31 -30.60 -35.00 19.02
N ALA D 32 -29.51 -35.44 19.67
CA ALA D 32 -28.74 -34.55 20.53
C ALA D 32 -28.14 -33.39 19.73
N ALA D 33 -27.56 -33.70 18.57
CA ALA D 33 -26.99 -32.66 17.72
C ALA D 33 -28.07 -31.70 17.24
N SER D 34 -29.26 -32.21 16.92
CA SER D 34 -30.36 -31.34 16.51
C SER D 34 -30.75 -30.38 17.61
N LEU D 35 -30.88 -30.89 18.84
CA LEU D 35 -31.22 -30.03 19.97
C LEU D 35 -30.17 -28.97 20.19
N LEU D 36 -28.89 -29.37 20.24
CA LEU D 36 -27.81 -28.42 20.50
C LEU D 36 -27.73 -27.36 19.40
N GLY D 37 -27.88 -27.77 18.14
CA GLY D 37 -27.80 -26.82 17.05
C GLY D 37 -28.99 -25.87 17.02
N LYS D 38 -30.18 -26.37 17.33
CA LYS D 38 -31.36 -25.51 17.36
C LYS D 38 -31.32 -24.55 18.53
N LYS D 39 -30.64 -24.91 19.62
CA LYS D 39 -30.55 -24.02 20.79
C LYS D 39 -29.38 -23.04 20.64
N TYR D 40 -28.15 -23.54 20.73
CA TYR D 40 -26.98 -22.67 20.78
C TYR D 40 -26.48 -22.22 19.42
N GLY D 41 -26.95 -22.82 18.34
CA GLY D 41 -26.44 -22.51 17.02
C GLY D 41 -25.47 -23.55 16.51
N GLU D 42 -25.50 -23.78 15.20
CA GLU D 42 -24.73 -24.84 14.57
C GLU D 42 -23.24 -24.55 14.47
N THR D 43 -22.74 -23.62 15.28
CA THR D 43 -21.33 -23.27 15.35
C THR D 43 -20.81 -23.18 16.79
N ALA D 44 -21.68 -22.92 17.76
CA ALA D 44 -21.27 -22.67 19.14
C ALA D 44 -20.52 -23.87 19.74
N ASN D 45 -19.92 -23.62 20.90
CA ASN D 45 -19.03 -24.61 21.50
C ASN D 45 -19.79 -25.79 22.10
N GLU D 46 -21.04 -25.58 22.52
CA GLU D 46 -21.81 -26.65 23.13
C GLU D 46 -22.12 -27.79 22.16
N CYS D 47 -22.04 -27.53 20.85
CA CYS D 47 -22.33 -28.52 19.84
C CYS D 47 -21.12 -29.36 19.46
N GLY D 48 -19.93 -29.04 19.97
CA GLY D 48 -18.72 -29.72 19.55
C GLY D 48 -18.74 -31.23 19.75
N GLU D 49 -18.88 -31.67 21.00
CA GLU D 49 -18.88 -33.10 21.28
C GLU D 49 -20.08 -33.80 20.64
N ALA D 50 -21.24 -33.13 20.64
CA ALA D 50 -22.41 -33.74 20.02
C ALA D 50 -22.18 -34.01 18.54
N PHE D 51 -21.64 -33.02 17.82
CA PHE D 51 -21.37 -33.21 16.40
C PHE D 51 -20.28 -34.24 16.19
N PHE D 52 -19.28 -34.28 17.07
CA PHE D 52 -18.21 -35.27 16.93
C PHE D 52 -18.76 -36.68 17.06
N PHE D 53 -19.56 -36.93 18.10
CA PHE D 53 -20.12 -38.26 18.27
C PHE D 53 -21.12 -38.61 17.17
N TYR D 54 -21.84 -37.62 16.65
CA TYR D 54 -22.71 -37.85 15.51
C TYR D 54 -21.90 -38.33 14.30
N GLY D 55 -20.83 -37.61 13.98
CA GLY D 55 -19.99 -38.00 12.86
C GLY D 55 -19.33 -39.36 13.07
N LYS D 56 -18.93 -39.65 14.31
CA LYS D 56 -18.34 -40.95 14.60
C LYS D 56 -19.36 -42.08 14.41
N SER D 57 -20.59 -41.88 14.87
CA SER D 57 -21.62 -42.89 14.68
C SER D 57 -21.95 -43.05 13.20
N LEU D 58 -21.92 -41.97 12.43
CA LEU D 58 -22.15 -42.08 11.00
C LEU D 58 -21.02 -42.86 10.33
N LEU D 59 -19.79 -42.66 10.80
CA LEU D 59 -18.67 -43.46 10.29
C LEU D 59 -18.87 -44.94 10.62
N GLU D 60 -19.32 -45.24 11.84
CA GLU D 60 -19.59 -46.62 12.21
C GLU D 60 -20.68 -47.23 11.33
N LEU D 61 -21.73 -46.45 11.05
CA LEU D 61 -22.79 -46.92 10.17
C LEU D 61 -22.26 -47.24 8.79
N ALA D 62 -21.48 -46.31 8.21
CA ALA D 62 -20.91 -46.54 6.89
C ALA D 62 -20.01 -47.77 6.88
N ARG D 63 -19.22 -47.94 7.94
CA ARG D 63 -18.33 -49.10 8.00
C ARG D 63 -19.15 -50.39 8.08
N MET D 64 -20.23 -50.39 8.85
CA MET D 64 -21.09 -51.56 8.94
C MET D 64 -21.74 -51.87 7.60
N GLU D 65 -22.03 -50.83 6.80
CA GLU D 65 -22.63 -51.01 5.48
C GLU D 65 -21.56 -51.37 4.44
N ASN D 66 -20.85 -52.46 4.72
CA ASN D 66 -19.83 -52.99 3.84
C ASN D 66 -19.75 -54.51 3.94
N ILE D 136 -27.92 -37.04 1.37
CA ILE D 136 -26.52 -37.04 1.74
C ILE D 136 -26.05 -38.44 2.08
N GLY D 137 -24.83 -38.79 1.66
CA GLY D 137 -24.26 -40.07 2.02
C GLY D 137 -23.79 -40.09 3.47
N ASN D 138 -23.66 -41.31 4.00
CA ASN D 138 -23.21 -41.45 5.38
C ASN D 138 -21.81 -40.91 5.58
N LEU D 139 -20.90 -41.23 4.66
CA LEU D 139 -19.53 -40.72 4.75
C LEU D 139 -19.50 -39.19 4.60
N GLU D 140 -20.32 -38.65 3.70
CA GLU D 140 -20.35 -37.21 3.50
C GLU D 140 -20.85 -36.50 4.76
N LEU D 141 -21.93 -36.99 5.35
CA LEU D 141 -22.47 -36.37 6.55
C LEU D 141 -21.50 -36.53 7.72
N ALA D 142 -20.83 -37.68 7.81
CA ALA D 142 -19.82 -37.86 8.85
C ALA D 142 -18.68 -36.85 8.68
N TRP D 143 -18.22 -36.65 7.44
CA TRP D 143 -17.20 -35.64 7.19
C TRP D 143 -17.69 -34.26 7.62
N ASP D 144 -18.93 -33.92 7.26
CA ASP D 144 -19.46 -32.60 7.61
C ASP D 144 -19.49 -32.41 9.13
N MET D 145 -20.05 -33.37 9.85
CA MET D 145 -20.17 -33.25 11.30
C MET D 145 -18.80 -33.19 11.96
N LEU D 146 -17.87 -34.05 11.52
CA LEU D 146 -16.56 -34.10 12.15
C LEU D 146 -15.75 -32.85 11.84
N ASP D 147 -15.90 -32.27 10.65
CA ASP D 147 -15.17 -31.05 10.33
C ASP D 147 -15.74 -29.86 11.09
N LEU D 148 -17.07 -29.79 11.23
CA LEU D 148 -17.65 -28.78 12.11
C LEU D 148 -17.13 -28.91 13.53
N ALA D 149 -17.12 -30.13 14.07
CA ALA D 149 -16.60 -30.36 15.40
C ALA D 149 -15.13 -29.98 15.50
N LYS D 150 -14.35 -30.29 14.45
CA LYS D 150 -12.94 -29.93 14.45
C LYS D 150 -12.75 -28.42 14.49
N ILE D 151 -13.56 -27.68 13.73
CA ILE D 151 -13.50 -26.23 13.78
C ILE D 151 -13.80 -25.74 15.19
N ILE D 152 -14.91 -26.24 15.77
CA ILE D 152 -15.34 -25.79 17.08
C ILE D 152 -14.28 -26.09 18.14
N PHE D 153 -13.59 -27.22 18.00
CA PHE D 153 -12.56 -27.58 18.96
C PHE D 153 -11.29 -26.76 18.77
N LYS D 154 -10.82 -26.66 17.52
CA LYS D 154 -9.58 -25.95 17.25
C LYS D 154 -9.66 -24.48 17.64
N ARG D 155 -10.83 -23.86 17.47
CA ARG D 155 -10.92 -22.44 17.81
C ARG D 155 -10.77 -22.19 19.32
N GLN D 156 -11.00 -23.20 20.16
CA GLN D 156 -10.83 -23.05 21.60
C GLN D 156 -9.41 -23.45 22.00
N GLU D 157 -8.74 -22.58 22.75
CA GLU D 157 -7.34 -22.77 23.08
C GLU D 157 -7.17 -23.36 24.49
N THR D 158 -7.59 -24.62 24.62
CA THR D 158 -7.36 -25.40 25.83
C THR D 158 -6.90 -26.79 25.44
N LYS D 159 -6.32 -27.51 26.41
CA LYS D 159 -5.79 -28.83 26.13
C LYS D 159 -6.89 -29.84 25.80
N GLU D 160 -8.00 -29.79 26.55
CA GLU D 160 -9.13 -30.67 26.27
C GLU D 160 -9.64 -30.46 24.84
N ALA D 161 -9.83 -29.20 24.46
CA ALA D 161 -10.34 -28.88 23.13
C ALA D 161 -9.35 -29.30 22.05
N GLN D 162 -8.05 -29.10 22.28
CA GLN D 162 -7.07 -29.46 21.27
C GLN D 162 -7.01 -30.97 21.07
N LEU D 163 -7.10 -31.74 22.17
CA LEU D 163 -7.11 -33.19 22.03
C LEU D 163 -8.39 -33.67 21.37
N TYR D 164 -9.52 -33.02 21.64
CA TYR D 164 -10.74 -33.36 20.93
C TYR D 164 -10.64 -33.03 19.44
N ALA D 165 -9.96 -31.94 19.11
CA ALA D 165 -9.74 -31.60 17.71
C ALA D 165 -8.84 -32.63 17.04
N ALA D 166 -7.84 -33.14 17.76
CA ALA D 166 -7.02 -34.23 17.24
C ALA D 166 -7.88 -35.46 16.98
N GLN D 167 -8.81 -35.75 17.90
CA GLN D 167 -9.70 -36.90 17.69
C GLN D 167 -10.61 -36.68 16.48
N ALA D 168 -11.09 -35.44 16.29
CA ALA D 168 -11.89 -35.14 15.12
C ALA D 168 -11.08 -35.32 13.85
N HIS D 169 -9.79 -34.92 13.89
CA HIS D 169 -8.91 -35.15 12.75
C HIS D 169 -8.73 -36.64 12.47
N LEU D 170 -8.56 -37.43 13.53
CA LEU D 170 -8.40 -38.88 13.36
C LEU D 170 -9.65 -39.49 12.72
N LYS D 171 -10.83 -39.06 13.16
CA LYS D 171 -12.06 -39.57 12.59
C LYS D 171 -12.26 -39.06 11.15
N LEU D 172 -11.83 -37.84 10.86
CA LEU D 172 -11.84 -37.35 9.48
C LEU D 172 -10.93 -38.20 8.59
N GLY D 173 -9.76 -38.57 9.11
CA GLY D 173 -8.87 -39.43 8.35
C GLY D 173 -9.44 -40.80 8.12
N GLU D 174 -10.12 -41.36 9.13
CA GLU D 174 -10.76 -42.66 8.96
C GLU D 174 -11.90 -42.59 7.94
N VAL D 175 -12.68 -41.51 7.98
CA VAL D 175 -13.73 -41.31 6.97
C VAL D 175 -13.11 -41.18 5.58
N SER D 176 -11.95 -40.53 5.49
CA SER D 176 -11.28 -40.42 4.20
C SER D 176 -10.81 -41.78 3.71
N VAL D 177 -10.27 -42.60 4.61
CA VAL D 177 -9.87 -43.96 4.24
C VAL D 177 -11.07 -44.74 3.71
N GLU D 178 -12.20 -44.64 4.41
CA GLU D 178 -13.42 -45.33 3.95
C GLU D 178 -13.92 -44.73 2.63
N SER D 179 -13.64 -43.46 2.38
CA SER D 179 -14.02 -42.83 1.12
C SER D 179 -12.97 -43.01 0.02
N GLU D 180 -11.92 -43.79 0.29
CA GLU D 180 -10.85 -44.06 -0.67
C GLU D 180 -10.10 -42.79 -1.07
N ASN D 181 -10.00 -41.83 -0.15
CA ASN D 181 -9.27 -40.58 -0.35
C ASN D 181 -8.07 -40.61 0.59
N TYR D 182 -6.98 -41.21 0.13
CA TYR D 182 -5.86 -41.53 1.02
C TYR D 182 -4.97 -40.32 1.28
N VAL D 183 -4.86 -39.39 0.32
CA VAL D 183 -4.08 -38.18 0.55
C VAL D 183 -4.71 -37.35 1.66
N GLN D 184 -6.02 -37.11 1.57
CA GLN D 184 -6.70 -36.42 2.67
C GLN D 184 -6.60 -37.21 3.96
N ALA D 185 -6.61 -38.54 3.87
CA ALA D 185 -6.48 -39.37 5.07
C ALA D 185 -5.13 -39.16 5.74
N VAL D 186 -4.05 -39.16 4.94
CA VAL D 186 -2.73 -38.96 5.51
C VAL D 186 -2.60 -37.56 6.07
N GLU D 187 -3.25 -36.57 5.43
CA GLU D 187 -3.23 -35.20 5.97
C GLU D 187 -3.92 -35.14 7.33
N GLU D 188 -5.12 -35.73 7.43
CA GLU D 188 -5.86 -35.67 8.68
C GLU D 188 -5.13 -36.41 9.80
N PHE D 189 -4.54 -37.58 9.47
CA PHE D 189 -3.80 -38.32 10.49
C PHE D 189 -2.57 -37.55 10.94
N GLN D 190 -1.89 -36.87 10.01
CA GLN D 190 -0.74 -36.06 10.39
C GLN D 190 -1.16 -34.90 11.29
N SER D 191 -2.29 -34.26 10.98
CA SER D 191 -2.77 -33.16 11.83
C SER D 191 -3.09 -33.65 13.23
N CYS D 192 -3.80 -34.78 13.32
CA CYS D 192 -4.09 -35.37 14.62
C CYS D 192 -2.81 -35.69 15.38
N LEU D 193 -1.82 -36.26 14.69
CA LEU D 193 -0.58 -36.63 15.36
C LEU D 193 0.19 -35.39 15.82
N ASN D 194 0.13 -34.31 15.05
CA ASN D 194 0.78 -33.08 15.47
C ASN D 194 0.17 -32.55 16.76
N LEU D 195 -1.17 -32.47 16.79
CA LEU D 195 -1.83 -32.03 18.02
C LEU D 195 -1.50 -32.96 19.19
N GLN D 196 -1.53 -34.28 18.96
CA GLN D 196 -1.30 -35.23 20.04
C GLN D 196 0.14 -35.16 20.55
N GLU D 197 1.11 -35.02 19.64
CA GLU D 197 2.50 -34.95 20.08
C GLU D 197 2.78 -33.65 20.81
N GLN D 198 2.08 -32.57 20.46
CA GLN D 198 2.32 -31.33 21.17
C GLN D 198 1.49 -31.19 22.44
N TYR D 199 0.51 -32.07 22.69
CA TYR D 199 -0.26 -31.99 23.94
C TYR D 199 -0.24 -33.26 24.79
N LEU D 200 0.55 -34.26 24.44
CA LEU D 200 0.59 -35.52 25.19
C LEU D 200 2.02 -35.87 25.54
N GLU D 201 2.19 -36.95 26.30
CA GLU D 201 3.50 -37.45 26.63
C GLU D 201 3.90 -38.52 25.61
N ALA D 202 5.21 -38.64 25.40
CA ALA D 202 5.74 -39.42 24.28
C ALA D 202 5.48 -40.92 24.39
N HIS D 203 4.84 -41.40 25.46
CA HIS D 203 4.55 -42.82 25.61
C HIS D 203 3.05 -43.08 25.67
N ASP D 204 2.26 -42.23 25.02
CA ASP D 204 0.81 -42.33 25.07
C ASP D 204 0.33 -43.32 24.01
N ARG D 205 -0.58 -44.19 24.43
CA ARG D 205 -1.11 -45.20 23.53
C ARG D 205 -1.79 -44.56 22.31
N LEU D 206 -2.32 -43.35 22.47
CA LEU D 206 -2.93 -42.64 21.34
C LEU D 206 -1.93 -42.38 20.23
N LEU D 207 -0.67 -42.09 20.60
CA LEU D 207 0.36 -41.88 19.58
C LEU D 207 0.61 -43.16 18.78
N ALA D 208 0.60 -44.30 19.45
CA ALA D 208 0.70 -45.58 18.76
C ALA D 208 -0.48 -45.78 17.81
N GLU D 209 -1.69 -45.49 18.29
CA GLU D 209 -2.88 -45.66 17.46
C GLU D 209 -2.81 -44.77 16.22
N THR D 210 -2.39 -43.51 16.38
CA THR D 210 -2.30 -42.60 15.25
C THR D 210 -1.21 -43.03 14.28
N HIS D 211 -0.06 -43.49 14.79
CA HIS D 211 0.98 -44.00 13.90
C HIS D 211 0.47 -45.21 13.12
N TYR D 212 -0.31 -46.07 13.77
CA TYR D 212 -0.88 -47.23 13.10
C TYR D 212 -1.81 -46.81 11.97
N GLN D 213 -2.73 -45.87 12.26
CA GLN D 213 -3.62 -45.38 11.23
C GLN D 213 -2.85 -44.73 10.09
N LEU D 214 -1.77 -44.03 10.42
CA LEU D 214 -0.97 -43.35 9.41
C LEU D 214 -0.27 -44.36 8.51
N GLY D 215 0.30 -45.42 9.10
CA GLY D 215 0.90 -46.47 8.30
C GLY D 215 -0.13 -47.17 7.43
N LEU D 216 -1.33 -47.38 7.96
CA LEU D 216 -2.41 -47.92 7.15
C LEU D 216 -2.67 -47.05 5.93
N ALA D 217 -2.83 -45.74 6.15
CA ALA D 217 -3.10 -44.83 5.04
C ALA D 217 -1.96 -44.82 4.04
N TYR D 218 -0.72 -44.90 4.54
CA TYR D 218 0.44 -44.97 3.65
C TYR D 218 0.40 -46.24 2.79
N GLY D 219 0.07 -47.38 3.40
CA GLY D 219 -0.04 -48.61 2.64
C GLY D 219 -1.14 -48.55 1.60
N TYR D 220 -2.27 -47.93 1.95
CA TYR D 220 -3.34 -47.76 0.97
C TYR D 220 -2.91 -46.86 -0.17
N ASN D 221 -2.12 -45.82 0.13
CA ASN D 221 -1.64 -44.88 -0.88
C ASN D 221 -0.39 -45.37 -1.60
N SER D 222 0.02 -46.62 -1.34
CA SER D 222 1.20 -47.23 -1.97
C SER D 222 2.49 -46.53 -1.59
N GLN D 223 2.53 -45.95 -0.39
CA GLN D 223 3.75 -45.41 0.19
C GLN D 223 4.24 -46.36 1.28
N TYR D 224 4.77 -47.50 0.85
CA TYR D 224 5.04 -48.60 1.77
C TYR D 224 6.22 -48.33 2.69
N ASP D 225 7.20 -47.55 2.22
CA ASP D 225 8.32 -47.18 3.08
C ASP D 225 7.83 -46.36 4.27
N GLU D 226 7.05 -45.31 4.01
CA GLU D 226 6.45 -44.54 5.09
C GLU D 226 5.52 -45.41 5.93
N ALA D 227 4.90 -46.42 5.32
CA ALA D 227 4.03 -47.32 6.07
C ALA D 227 4.82 -48.09 7.13
N VAL D 228 5.92 -48.73 6.71
CA VAL D 228 6.73 -49.47 7.68
C VAL D 228 7.34 -48.51 8.69
N ALA D 229 7.64 -47.28 8.28
CA ALA D 229 8.17 -46.30 9.22
C ALA D 229 7.16 -45.96 10.32
N GLN D 230 5.91 -45.72 9.92
CA GLN D 230 4.88 -45.39 10.90
C GLN D 230 4.57 -46.58 11.81
N PHE D 231 4.56 -47.79 11.24
CA PHE D 231 4.31 -48.98 12.06
C PHE D 231 5.43 -49.19 13.06
N SER D 232 6.68 -48.99 12.63
CA SER D 232 7.80 -49.08 13.56
C SER D 232 7.74 -47.99 14.62
N LYS D 233 7.22 -46.81 14.27
CA LYS D 233 7.06 -45.75 15.28
C LYS D 233 6.02 -46.15 16.32
N SER D 234 4.92 -46.78 15.88
CA SER D 234 3.93 -47.29 16.83
C SER D 234 4.55 -48.34 17.75
N ILE D 235 5.34 -49.25 17.18
CA ILE D 235 6.04 -50.24 18.01
C ILE D 235 6.97 -49.55 19.00
N GLU D 236 7.67 -48.51 18.54
CA GLU D 236 8.62 -47.79 19.38
C GLU D 236 7.92 -47.17 20.57
N VAL D 237 6.79 -46.49 20.34
CA VAL D 237 6.08 -45.87 21.45
C VAL D 237 5.46 -46.91 22.37
N ILE D 238 4.99 -48.05 21.81
CA ILE D 238 4.47 -49.12 22.65
C ILE D 238 5.56 -49.64 23.59
N GLU D 239 6.76 -49.87 23.06
CA GLU D 239 7.84 -50.39 23.88
C GLU D 239 8.31 -49.35 24.91
N ASN D 240 8.30 -48.07 24.53
CA ASN D 240 8.64 -47.03 25.49
C ASN D 240 7.64 -47.03 26.65
N ARG D 241 6.34 -47.15 26.34
CA ARG D 241 5.33 -47.22 27.40
C ARG D 241 5.52 -48.48 28.24
N MET D 242 5.92 -49.58 27.62
CA MET D 242 6.19 -50.80 28.39
C MET D 242 7.30 -50.57 29.41
N ALA D 243 8.38 -49.92 28.98
CA ALA D 243 9.49 -49.64 29.89
C ALA D 243 9.06 -48.69 31.01
N VAL D 244 8.29 -47.66 30.66
CA VAL D 244 7.82 -46.71 31.68
C VAL D 244 6.91 -47.41 32.69
N LEU D 245 6.06 -48.31 32.22
CA LEU D 245 5.16 -49.01 33.13
C LEU D 245 5.90 -50.03 33.99
N ASN D 246 6.95 -50.66 33.45
CA ASN D 246 7.78 -51.52 34.29
C ASN D 246 8.46 -50.70 35.38
N GLU D 247 8.97 -49.52 35.03
CA GLU D 247 9.56 -48.64 36.03
C GLU D 247 8.53 -48.25 37.09
N GLN D 248 7.30 -47.97 36.67
CA GLN D 248 6.28 -47.54 37.62
C GLN D 248 5.81 -48.68 38.51
N VAL D 249 5.75 -49.91 37.98
CA VAL D 249 5.39 -51.05 38.81
C VAL D 249 6.53 -51.43 39.74
N LYS D 250 7.77 -51.05 39.40
CA LYS D 250 8.87 -51.27 40.31
C LYS D 250 8.96 -50.20 41.39
N GLU D 251 8.56 -48.96 41.08
CA GLU D 251 8.71 -47.84 41.99
C GLU D 251 7.38 -47.37 42.60
N ALA D 252 6.31 -48.16 42.46
CA ALA D 252 5.03 -47.82 43.06
C ALA D 252 4.73 -48.76 44.21
N GLU D 253 3.84 -48.31 45.11
CA GLU D 253 3.46 -49.08 46.29
C GLU D 253 1.95 -49.07 46.42
N GLY D 254 1.34 -50.25 46.34
CA GLY D 254 -0.10 -50.39 46.41
C GLY D 254 -0.79 -50.64 45.08
N SER D 255 -0.03 -50.70 43.98
CA SER D 255 -0.58 -50.92 42.63
C SER D 255 0.44 -51.77 41.87
N SER D 256 0.45 -53.07 42.19
CA SER D 256 1.49 -53.98 41.74
C SER D 256 1.06 -54.88 40.59
N ALA D 257 -0.14 -54.70 40.05
CA ALA D 257 -0.60 -55.63 39.01
C ALA D 257 -1.12 -54.96 37.76
N GLU D 258 -1.79 -53.80 37.88
CA GLU D 258 -2.40 -53.17 36.70
C GLU D 258 -1.34 -52.81 35.65
N TYR D 259 -0.18 -52.32 36.11
CA TYR D 259 0.87 -51.94 35.17
C TYR D 259 1.37 -53.14 34.38
N LYS D 260 1.61 -54.27 35.07
CA LYS D 260 2.06 -55.47 34.38
C LYS D 260 0.99 -56.01 33.44
N LYS D 261 -0.27 -55.94 33.84
CA LYS D 261 -1.36 -56.36 32.96
C LYS D 261 -1.41 -55.52 31.69
N GLU D 262 -1.24 -54.20 31.83
CA GLU D 262 -1.23 -53.34 30.64
C GLU D 262 -0.01 -53.60 29.77
N ILE D 263 1.15 -53.87 30.40
CA ILE D 263 2.34 -54.25 29.65
C ILE D 263 2.06 -55.48 28.79
N GLU D 264 1.43 -56.50 29.39
CA GLU D 264 1.17 -57.71 28.63
C GLU D 264 0.09 -57.49 27.57
N GLU D 265 -0.85 -56.58 27.81
CA GLU D 265 -1.82 -56.21 26.78
C GLU D 265 -1.12 -55.60 25.56
N LEU D 266 -0.20 -54.67 25.80
CA LEU D 266 0.58 -54.09 24.71
C LEU D 266 1.43 -55.16 24.02
N LYS D 267 1.95 -56.12 24.80
CA LYS D 267 2.74 -57.20 24.21
C LYS D 267 1.88 -58.06 23.29
N GLU D 268 0.60 -58.25 23.65
CA GLU D 268 -0.32 -58.95 22.77
C GLU D 268 -0.63 -58.14 21.52
N LEU D 269 -0.66 -56.81 21.65
CA LEU D 269 -0.92 -55.94 20.51
C LEU D 269 0.25 -55.92 19.52
N LEU D 270 1.48 -56.04 20.02
CA LEU D 270 2.68 -55.88 19.20
C LEU D 270 2.77 -56.79 17.97
N PRO D 271 2.54 -58.12 18.06
CA PRO D 271 2.86 -58.98 16.91
C PRO D 271 2.03 -58.69 15.67
N GLU D 272 0.78 -58.25 15.81
CA GLU D 272 0.00 -57.91 14.63
C GLU D 272 0.53 -56.67 13.94
N ILE D 273 1.09 -55.72 14.72
CA ILE D 273 1.74 -54.57 14.11
C ILE D 273 3.00 -55.01 13.37
N ARG D 274 3.75 -55.96 13.93
CA ARG D 274 4.90 -56.50 13.20
C ARG D 274 4.47 -57.20 11.92
N GLU D 275 3.32 -57.88 11.96
CA GLU D 275 2.78 -58.52 10.77
C GLU D 275 2.39 -57.48 9.71
N LYS D 276 1.84 -56.34 10.16
CA LYS D 276 1.58 -55.24 9.23
C LYS D 276 2.87 -54.70 8.62
N ILE D 277 3.93 -54.61 9.43
CA ILE D 277 5.24 -54.21 8.89
C ILE D 277 5.67 -55.17 7.78
N GLU D 278 5.56 -56.47 8.05
CA GLU D 278 5.95 -57.46 7.05
C GLU D 278 5.10 -57.37 5.79
N ASP D 279 3.79 -57.20 5.96
CA ASP D 279 2.88 -57.10 4.82
C ASP D 279 3.21 -55.87 3.97
N ALA D 280 3.54 -54.75 4.62
CA ALA D 280 3.90 -53.55 3.86
C ALA D 280 5.26 -53.71 3.20
N LYS D 281 6.18 -54.44 3.84
CA LYS D 281 7.46 -54.75 3.23
C LYS D 281 7.28 -55.63 1.99
N GLU D 282 6.23 -56.45 1.98
CA GLU D 282 5.93 -57.36 0.89
C GLU D 282 5.58 -56.65 -0.41
N SER D 283 5.45 -55.33 -0.40
CA SER D 283 5.09 -54.60 -1.61
C SER D 283 6.25 -53.73 -2.10
N ALA E 2 8.82 43.82 8.68
CA ALA E 2 9.54 43.10 7.65
C ALA E 2 11.01 43.50 7.65
N LYS E 3 11.72 43.13 8.71
CA LYS E 3 13.13 43.52 8.87
C LYS E 3 14.08 42.66 8.06
N VAL E 4 13.67 41.45 7.67
CA VAL E 4 14.49 40.56 6.84
C VAL E 4 13.72 40.23 5.58
N GLN E 5 14.37 40.40 4.43
CA GLN E 5 13.77 40.11 3.12
C GLN E 5 14.63 39.12 2.35
N VAL E 6 14.03 38.01 1.92
CA VAL E 6 14.73 37.02 1.10
C VAL E 6 14.60 37.48 -0.35
N ASN E 7 15.70 38.03 -0.89
CA ASN E 7 15.68 38.50 -2.28
C ASN E 7 15.69 37.34 -3.27
N ASN E 8 16.38 36.24 -2.95
CA ASN E 8 16.44 35.14 -3.91
C ASN E 8 16.87 33.84 -3.24
N VAL E 9 16.49 32.73 -3.87
CA VAL E 9 16.95 31.39 -3.51
C VAL E 9 17.22 30.65 -4.80
N VAL E 10 18.45 30.13 -4.96
CA VAL E 10 18.87 29.41 -6.16
C VAL E 10 19.19 27.97 -5.79
N VAL E 11 18.48 27.02 -6.39
CA VAL E 11 18.71 25.61 -6.15
C VAL E 11 19.93 25.16 -6.93
N LEU E 12 20.92 24.59 -6.24
CA LEU E 12 22.12 24.09 -6.88
C LEU E 12 22.10 22.57 -6.95
N ASP E 13 22.89 22.03 -7.88
CA ASP E 13 23.06 20.59 -8.05
C ASP E 13 21.72 19.89 -8.26
N ASN E 14 20.98 20.37 -9.26
CA ASN E 14 19.63 19.87 -9.52
C ASN E 14 19.47 19.65 -11.01
N PRO E 15 19.07 18.43 -11.45
CA PRO E 15 18.79 17.25 -10.63
C PRO E 15 20.05 16.60 -10.06
N SER E 16 19.85 15.55 -9.26
CA SER E 16 20.94 14.88 -8.55
C SER E 16 20.41 13.55 -8.02
N PRO E 17 21.30 12.63 -7.64
CA PRO E 17 20.85 11.43 -6.93
C PRO E 17 20.17 11.79 -5.62
N PHE E 18 19.26 10.91 -5.18
CA PHE E 18 18.51 11.15 -3.96
C PHE E 18 19.45 11.41 -2.77
N TYR E 19 20.57 10.69 -2.72
CA TYR E 19 21.48 10.80 -1.58
C TYR E 19 22.33 12.06 -1.62
N ASN E 20 22.31 12.81 -2.72
CA ASN E 20 23.08 14.05 -2.78
C ASN E 20 22.49 15.09 -1.83
N PRO E 21 23.33 15.89 -1.17
CA PRO E 21 22.80 16.89 -0.24
C PRO E 21 22.09 18.03 -0.95
N PHE E 22 21.08 18.58 -0.28
CA PHE E 22 20.44 19.80 -0.74
C PHE E 22 21.40 20.98 -0.64
N GLN E 23 21.40 21.82 -1.67
CA GLN E 23 22.20 23.04 -1.69
C GLN E 23 21.34 24.19 -2.21
N PHE E 24 21.12 25.18 -1.37
CA PHE E 24 20.36 26.38 -1.73
C PHE E 24 21.25 27.60 -1.51
N GLU E 25 21.50 28.35 -2.57
CA GLU E 25 22.18 29.64 -2.46
C GLU E 25 21.13 30.70 -2.15
N ILE E 26 21.11 31.15 -0.89
CA ILE E 26 20.11 32.09 -0.40
C ILE E 26 20.74 33.47 -0.34
N THR E 27 20.04 34.46 -0.89
CA THR E 27 20.42 35.86 -0.83
C THR E 27 19.31 36.62 -0.12
N PHE E 28 19.62 37.21 1.03
CA PHE E 28 18.66 37.98 1.81
C PHE E 28 19.28 39.31 2.19
N GLU E 29 18.46 40.16 2.83
CA GLU E 29 18.87 41.52 3.17
C GLU E 29 18.21 41.92 4.47
N CYS E 30 18.98 42.58 5.33
CA CYS E 30 18.52 43.13 6.59
C CYS E 30 18.38 44.64 6.46
N ILE E 31 17.16 45.16 6.69
CA ILE E 31 16.94 46.59 6.60
C ILE E 31 17.74 47.32 7.66
N GLU E 32 17.82 46.76 8.87
CA GLU E 32 18.63 47.32 9.94
C GLU E 32 19.36 46.19 10.63
N ASP E 33 20.18 46.55 11.62
CA ASP E 33 20.88 45.54 12.41
C ASP E 33 19.90 44.79 13.29
N LEU E 34 20.01 43.46 13.32
CA LEU E 34 19.14 42.62 14.13
C LEU E 34 19.84 42.27 15.43
N SER E 35 19.16 42.53 16.55
CA SER E 35 19.71 42.23 17.86
C SER E 35 19.51 40.78 18.28
N GLU E 36 18.58 40.05 17.64
CA GLU E 36 18.26 38.69 18.01
C GLU E 36 18.76 37.71 16.95
N ASP E 37 18.29 36.47 17.05
CA ASP E 37 18.85 35.36 16.28
C ASP E 37 17.98 35.02 15.08
N LEU E 38 18.62 34.83 13.94
CA LEU E 38 18.00 34.19 12.79
C LEU E 38 18.30 32.71 12.81
N GLU E 39 17.36 31.91 12.33
CA GLU E 39 17.56 30.47 12.22
C GLU E 39 16.96 29.97 10.93
N TRP E 40 17.81 29.43 10.06
CA TRP E 40 17.37 28.81 8.83
C TRP E 40 17.24 27.31 9.05
N LYS E 41 16.21 26.72 8.45
CA LYS E 41 15.98 25.28 8.55
C LYS E 41 15.59 24.75 7.18
N ILE E 42 16.09 23.57 6.85
CA ILE E 42 15.61 22.82 5.69
C ILE E 42 14.80 21.65 6.21
N ILE E 43 13.57 21.50 5.70
CA ILE E 43 12.62 20.52 6.18
C ILE E 43 12.11 19.71 5.00
N TYR E 44 12.30 18.40 5.04
CA TYR E 44 11.83 17.48 4.02
C TYR E 44 10.50 16.89 4.47
N VAL E 45 9.49 16.93 3.58
CA VAL E 45 8.20 16.30 3.85
C VAL E 45 8.31 14.85 3.35
N GLY E 46 8.55 13.91 4.26
CA GLY E 46 8.61 12.52 3.85
C GLY E 46 7.26 11.90 3.57
N SER E 47 6.18 12.50 4.07
CA SER E 47 4.86 11.93 3.83
C SER E 47 3.83 13.06 3.81
N ALA E 48 3.07 13.14 2.72
CA ALA E 48 1.98 14.10 2.64
C ALA E 48 0.85 13.76 3.59
N GLU E 49 0.77 12.50 4.06
CA GLU E 49 -0.33 12.10 4.92
C GLU E 49 -0.20 12.72 6.31
N SER E 50 1.01 12.80 6.85
CA SER E 50 1.21 13.31 8.19
C SER E 50 2.49 14.11 8.28
N GLU E 51 2.45 15.20 9.06
CA GLU E 51 3.66 15.97 9.33
C GLU E 51 4.60 15.25 10.27
N GLU E 52 4.15 14.16 10.91
CA GLU E 52 5.02 13.37 11.77
C GLU E 52 6.27 12.92 11.05
N TYR E 53 6.20 12.81 9.72
CA TYR E 53 7.32 12.36 8.91
C TYR E 53 8.05 13.53 8.24
N ASP E 54 8.09 14.68 8.90
CA ASP E 54 8.93 15.77 8.46
C ASP E 54 10.31 15.57 9.07
N GLN E 55 11.34 15.69 8.25
CA GLN E 55 12.73 15.57 8.70
C GLN E 55 13.40 16.93 8.57
N VAL E 56 13.85 17.48 9.69
CA VAL E 56 14.65 18.70 9.65
C VAL E 56 16.06 18.27 9.28
N LEU E 57 16.44 18.49 8.02
CA LEU E 57 17.73 18.04 7.53
C LEU E 57 18.88 18.80 8.17
N ASP E 58 18.72 20.12 8.33
CA ASP E 58 19.75 20.91 8.98
C ASP E 58 19.16 22.25 9.41
N SER E 59 19.83 22.86 10.39
CA SER E 59 19.45 24.14 10.97
C SER E 59 20.71 24.97 11.21
N VAL E 60 20.63 26.24 10.84
CA VAL E 60 21.73 27.19 11.00
C VAL E 60 21.23 28.34 11.87
N LEU E 61 21.91 28.59 12.99
CA LEU E 61 21.55 29.63 13.93
C LEU E 61 22.62 30.72 13.89
N VAL E 62 22.24 31.91 13.44
CA VAL E 62 23.15 33.05 13.34
C VAL E 62 22.61 34.18 14.22
N GLY E 63 23.52 35.01 14.71
CA GLY E 63 23.14 36.14 15.53
C GLY E 63 24.29 36.73 16.32
N PRO E 64 24.35 38.07 16.40
CA PRO E 64 23.44 38.98 15.68
C PRO E 64 23.84 39.13 14.23
N VAL E 65 22.88 39.41 13.35
CA VAL E 65 23.13 39.57 11.92
C VAL E 65 23.09 41.05 11.59
N PRO E 66 24.15 41.62 11.02
CA PRO E 66 24.17 43.05 10.72
C PRO E 66 23.41 43.39 9.45
N ALA E 67 23.08 44.67 9.31
CA ALA E 67 22.34 45.14 8.16
C ALA E 67 23.16 45.00 6.88
N GLY E 68 22.46 44.91 5.76
CA GLY E 68 23.08 44.78 4.46
C GLY E 68 22.67 43.50 3.76
N ARG E 69 23.28 43.25 2.61
CA ARG E 69 23.00 42.07 1.82
C ARG E 69 23.88 40.91 2.28
N HIS E 70 23.29 39.71 2.30
CA HIS E 70 24.00 38.51 2.70
C HIS E 70 23.64 37.37 1.75
N MET E 71 24.63 36.57 1.39
CA MET E 71 24.42 35.42 0.54
C MET E 71 25.20 34.23 1.10
N PHE E 72 24.56 33.07 1.14
CA PHE E 72 25.23 31.89 1.67
C PHE E 72 24.60 30.63 1.09
N VAL E 73 25.38 29.57 1.04
CA VAL E 73 24.92 28.29 0.52
C VAL E 73 24.53 27.43 1.73
N PHE E 74 23.22 27.29 1.94
CA PHE E 74 22.68 26.37 2.92
C PHE E 74 22.75 24.96 2.35
N GLN E 75 23.55 24.10 2.96
CA GLN E 75 23.70 22.72 2.53
C GLN E 75 23.20 21.80 3.65
N ALA E 76 22.37 20.83 3.27
CA ALA E 76 21.79 19.91 4.23
C ALA E 76 21.85 18.49 3.67
N ASP E 77 22.04 17.52 4.56
CA ASP E 77 22.12 16.13 4.12
C ASP E 77 20.76 15.64 3.64
N ALA E 78 20.79 14.62 2.78
CA ALA E 78 19.56 14.05 2.27
C ALA E 78 18.75 13.44 3.41
N PRO E 79 17.42 13.38 3.28
CA PRO E 79 16.61 12.80 4.35
C PRO E 79 16.93 11.32 4.56
N ASN E 80 16.66 10.86 5.76
CA ASN E 80 16.84 9.46 6.12
C ASN E 80 15.76 8.62 5.46
N PRO E 81 16.09 7.76 4.49
CA PRO E 81 15.04 6.97 3.84
C PRO E 81 14.34 6.01 4.79
N GLY E 82 15.01 5.58 5.85
CA GLY E 82 14.38 4.68 6.81
C GLY E 82 13.18 5.26 7.51
N LEU E 83 13.02 6.59 7.47
CA LEU E 83 11.89 7.26 8.08
C LEU E 83 10.82 7.66 7.06
N ILE E 84 11.05 7.42 5.78
CA ILE E 84 10.11 7.82 4.74
C ILE E 84 9.16 6.66 4.46
N PRO E 85 7.85 6.88 4.49
CA PRO E 85 6.93 5.79 4.13
C PRO E 85 7.12 5.38 2.67
N ASP E 86 7.13 4.07 2.45
CA ASP E 86 7.43 3.54 1.11
C ASP E 86 6.49 4.11 0.05
N ALA E 87 5.21 4.29 0.40
CA ALA E 87 4.24 4.81 -0.55
C ALA E 87 4.53 6.25 -0.97
N ASP E 88 5.28 7.00 -0.16
CA ASP E 88 5.58 8.40 -0.45
C ASP E 88 6.98 8.59 -1.02
N ALA E 89 7.72 7.52 -1.30
CA ALA E 89 9.12 7.65 -1.71
C ALA E 89 9.25 8.09 -3.16
N VAL E 90 8.55 7.40 -4.06
CA VAL E 90 8.61 7.69 -5.49
C VAL E 90 7.43 8.58 -5.87
N GLY E 91 7.72 9.69 -6.53
CA GLY E 91 6.69 10.65 -6.89
C GLY E 91 7.02 12.06 -6.44
N VAL E 92 6.00 12.89 -6.22
CA VAL E 92 6.18 14.28 -5.84
C VAL E 92 6.05 14.42 -4.33
N THR E 93 6.87 15.28 -3.75
CA THR E 93 6.79 15.66 -2.34
C THR E 93 7.25 17.11 -2.22
N VAL E 94 7.45 17.58 -0.98
CA VAL E 94 7.76 18.97 -0.73
C VAL E 94 9.05 19.10 0.08
N VAL E 95 9.86 20.09 -0.28
CA VAL E 95 10.97 20.53 0.56
C VAL E 95 10.73 21.99 0.93
N LEU E 96 11.17 22.37 2.13
CA LEU E 96 10.88 23.68 2.71
C LEU E 96 12.15 24.29 3.26
N ILE E 97 12.29 25.60 3.08
CA ILE E 97 13.32 26.41 3.75
C ILE E 97 12.57 27.41 4.61
N THR E 98 12.71 27.29 5.93
CA THR E 98 12.06 28.23 6.85
C THR E 98 13.12 29.13 7.46
N CYS E 99 12.74 30.37 7.73
CA CYS E 99 13.58 31.26 8.50
C CYS E 99 12.80 31.80 9.69
N THR E 100 13.48 31.86 10.83
CA THR E 100 12.87 32.20 12.11
C THR E 100 13.64 33.35 12.73
N TYR E 101 12.91 34.36 13.23
CA TYR E 101 13.52 35.47 13.95
C TYR E 101 12.87 35.57 15.31
N ARG E 102 13.69 35.53 16.37
CA ARG E 102 13.23 35.63 17.76
C ARG E 102 12.20 34.54 18.06
N GLY E 103 12.40 33.36 17.47
CA GLY E 103 11.51 32.24 17.69
C GLY E 103 10.30 32.19 16.80
N GLN E 104 10.06 33.24 16.00
CA GLN E 104 8.87 33.34 15.17
C GLN E 104 9.26 33.11 13.71
N GLU E 105 8.63 32.10 13.10
CA GLU E 105 8.85 31.85 11.68
C GLU E 105 8.20 32.95 10.86
N PHE E 106 9.01 33.66 10.07
CA PHE E 106 8.49 34.75 9.25
C PHE E 106 8.49 34.47 7.76
N ILE E 107 9.24 33.48 7.29
CA ILE E 107 9.18 33.11 5.88
C ILE E 107 9.36 31.61 5.73
N ARG E 108 8.62 31.04 4.77
CA ARG E 108 8.65 29.62 4.44
C ARG E 108 8.63 29.47 2.93
N VAL E 109 9.77 29.07 2.37
CA VAL E 109 9.89 28.81 0.93
C VAL E 109 9.63 27.33 0.70
N GLY E 110 8.82 27.03 -0.29
CA GLY E 110 8.46 25.66 -0.59
C GLY E 110 8.73 25.32 -2.04
N TYR E 111 9.27 24.13 -2.25
CA TYR E 111 9.54 23.59 -3.57
C TYR E 111 8.94 22.21 -3.70
N TYR E 112 8.33 21.93 -4.85
CA TYR E 112 8.00 20.56 -5.22
C TYR E 112 9.27 19.85 -5.64
N VAL E 113 9.42 18.60 -5.19
CA VAL E 113 10.56 17.77 -5.56
C VAL E 113 10.02 16.44 -6.05
N ASN E 114 10.53 15.97 -7.19
CA ASN E 114 10.08 14.77 -7.84
C ASN E 114 11.20 13.74 -7.78
N ASN E 115 11.02 12.71 -6.94
CA ASN E 115 11.96 11.60 -6.88
C ASN E 115 11.48 10.49 -7.81
N GLU E 116 12.30 10.16 -8.81
CA GLU E 116 11.92 9.16 -9.80
C GLU E 116 13.13 8.30 -10.15
N TYR E 117 12.84 7.15 -10.77
CA TYR E 117 13.90 6.29 -11.27
C TYR E 117 14.38 6.75 -12.63
N THR E 118 15.66 6.58 -12.89
CA THR E 118 16.23 6.99 -14.17
C THR E 118 16.26 5.85 -15.19
N GLU E 119 16.56 4.63 -14.74
CA GLU E 119 16.51 3.47 -15.63
C GLU E 119 15.07 3.21 -16.04
N THR E 120 14.84 3.07 -17.36
CA THR E 120 13.49 2.87 -17.86
C THR E 120 12.89 1.56 -17.38
N GLU E 121 13.72 0.53 -17.19
CA GLU E 121 13.24 -0.73 -16.64
C GLU E 121 12.65 -0.52 -15.25
N LEU E 122 13.36 0.24 -14.40
CA LEU E 122 12.85 0.52 -13.06
C LEU E 122 11.64 1.45 -13.12
N ARG E 123 11.60 2.36 -14.08
CA ARG E 123 10.44 3.23 -14.23
C ARG E 123 9.20 2.41 -14.56
N GLU E 124 9.34 1.38 -15.39
CA GLU E 124 8.19 0.56 -15.77
C GLU E 124 7.82 -0.42 -14.67
N ASN E 125 8.82 -1.04 -14.02
CA ASN E 125 8.60 -2.03 -12.97
C ASN E 125 9.32 -1.57 -11.71
N PRO E 126 8.74 -0.63 -10.95
CA PRO E 126 9.38 -0.18 -9.72
C PRO E 126 9.37 -1.27 -8.67
N PRO E 127 10.47 -1.45 -7.95
CA PRO E 127 10.51 -2.49 -6.92
C PRO E 127 9.55 -2.20 -5.78
N VAL E 128 9.17 -3.27 -5.08
CA VAL E 128 8.22 -3.15 -3.97
C VAL E 128 8.75 -2.20 -2.91
N LYS E 129 10.02 -2.37 -2.54
CA LYS E 129 10.68 -1.49 -1.60
C LYS E 129 11.52 -0.49 -2.38
N PRO E 130 11.32 0.82 -2.18
CA PRO E 130 11.98 1.81 -3.03
C PRO E 130 13.51 1.75 -2.94
N ASP E 131 14.16 1.88 -4.09
CA ASP E 131 15.62 1.85 -4.21
C ASP E 131 16.11 3.30 -4.30
N PHE E 132 16.48 3.85 -3.14
CA PHE E 132 16.91 5.24 -3.08
C PHE E 132 18.26 5.45 -3.75
N SER E 133 19.07 4.40 -3.88
CA SER E 133 20.30 4.52 -4.64
C SER E 133 20.03 4.72 -6.12
N LYS E 134 18.85 4.33 -6.61
CA LYS E 134 18.47 4.55 -7.99
C LYS E 134 17.49 5.70 -8.17
N LEU E 135 16.93 6.24 -7.09
CA LEU E 135 16.06 7.41 -7.22
C LEU E 135 16.87 8.65 -7.57
N GLN E 136 16.32 9.48 -8.46
CA GLN E 136 16.87 10.79 -8.79
C GLN E 136 15.92 11.88 -8.30
N ARG E 137 16.47 12.86 -7.59
CA ARG E 137 15.68 13.97 -7.04
C ARG E 137 15.74 15.16 -8.00
N ASN E 138 14.56 15.61 -8.44
CA ASN E 138 14.46 16.78 -9.30
C ASN E 138 13.58 17.81 -8.58
N ILE E 139 14.20 18.86 -8.06
CA ILE E 139 13.47 19.92 -7.39
C ILE E 139 12.85 20.83 -8.43
N LEU E 140 11.53 21.04 -8.34
CA LEU E 140 10.87 21.97 -9.23
C LEU E 140 11.20 23.40 -8.83
N ALA E 141 12.44 23.83 -9.14
CA ALA E 141 12.93 25.10 -8.65
C ALA E 141 12.29 26.29 -9.35
N SER E 142 11.77 26.10 -10.56
CA SER E 142 11.16 27.19 -11.31
C SER E 142 9.85 27.68 -10.70
N ASN E 143 9.25 26.93 -9.78
CA ASN E 143 7.98 27.30 -9.16
C ASN E 143 8.09 27.29 -7.65
N PRO E 144 8.79 28.25 -7.07
CA PRO E 144 8.82 28.36 -5.60
C PRO E 144 7.54 28.97 -5.09
N ARG E 145 7.22 28.64 -3.83
CA ARG E 145 6.11 29.27 -3.13
C ARG E 145 6.69 29.94 -1.89
N VAL E 146 6.67 31.26 -1.85
CA VAL E 146 7.22 32.02 -0.73
C VAL E 146 6.07 32.46 0.15
N THR E 147 6.01 31.95 1.38
CA THR E 147 4.92 32.29 2.30
C THR E 147 5.49 33.16 3.40
N ARG E 148 5.04 34.42 3.45
CA ARG E 148 5.45 35.37 4.48
C ARG E 148 4.44 35.42 5.62
N PHE E 149 4.94 35.42 6.84
CA PHE E 149 4.13 35.53 8.05
C PHE E 149 4.50 36.80 8.80
N HIS E 150 3.49 37.43 9.41
CA HIS E 150 3.73 38.62 10.23
C HIS E 150 4.23 38.19 11.60
N ILE E 151 5.40 38.71 12.00
CA ILE E 151 5.98 38.43 13.30
C ILE E 151 6.34 39.75 13.97
N ASN E 152 6.63 39.67 15.27
CA ASN E 152 7.02 40.83 16.05
C ASN E 152 8.51 41.06 15.91
N TRP E 153 8.90 42.09 15.14
CA TRP E 153 10.31 42.41 14.94
C TRP E 153 10.87 43.33 16.02
N GLU E 154 10.13 43.56 17.09
CA GLU E 154 10.57 44.45 18.16
C GLU E 154 11.24 43.67 19.28
N ARG F 41 -17.27 35.24 -34.04
CA ARG F 41 -15.91 35.23 -33.52
C ARG F 41 -15.43 33.78 -33.37
N TYR F 42 -14.12 33.60 -33.18
CA TYR F 42 -13.53 32.28 -33.01
C TYR F 42 -13.17 32.05 -31.54
N ARG F 43 -13.70 30.96 -30.98
CA ARG F 43 -13.36 30.51 -29.63
C ARG F 43 -12.81 29.08 -29.70
N PRO F 44 -11.87 28.73 -28.84
CA PRO F 44 -11.40 27.35 -28.79
C PRO F 44 -12.50 26.40 -28.30
N GLY F 45 -12.37 25.15 -28.70
CA GLY F 45 -13.36 24.14 -28.36
C GLY F 45 -13.45 23.89 -26.86
N THR F 46 -14.48 23.13 -26.50
CA THR F 46 -14.70 22.82 -25.09
C THR F 46 -13.58 21.96 -24.53
N VAL F 47 -13.11 20.98 -25.30
CA VAL F 47 -12.02 20.12 -24.84
C VAL F 47 -10.76 20.95 -24.58
N ALA F 48 -10.50 21.95 -25.43
CA ALA F 48 -9.36 22.82 -25.20
C ALA F 48 -9.58 23.72 -23.99
N LEU F 49 -10.80 24.25 -23.84
CA LEU F 49 -11.07 25.15 -22.72
C LEU F 49 -11.05 24.42 -21.39
N ARG F 50 -11.26 23.11 -21.37
CA ARG F 50 -11.09 22.34 -20.14
C ARG F 50 -9.62 22.23 -19.73
N GLU F 51 -8.67 22.58 -20.60
CA GLU F 51 -7.26 22.47 -20.24
C GLU F 51 -6.78 23.65 -19.41
N ILE F 52 -7.47 24.79 -19.46
CA ILE F 52 -7.02 26.01 -18.80
C ILE F 52 -7.83 26.27 -17.53
N ARG F 53 -7.57 27.38 -16.85
CA ARG F 53 -8.30 27.75 -15.65
C ARG F 53 -9.55 28.54 -16.03
N ARG F 54 -10.69 28.11 -15.50
CA ARG F 54 -11.96 28.75 -15.81
C ARG F 54 -11.92 30.23 -15.42
N TYR F 55 -12.37 31.08 -16.32
CA TYR F 55 -12.31 32.52 -16.09
C TYR F 55 -13.22 32.94 -14.94
N GLN F 56 -12.70 33.82 -14.08
CA GLN F 56 -13.43 34.29 -12.91
C GLN F 56 -14.25 35.53 -13.25
N LYS F 57 -15.53 35.50 -12.88
CA LYS F 57 -16.38 36.68 -12.96
C LYS F 57 -16.25 37.45 -11.67
N SER F 58 -16.07 38.78 -11.78
CA SER F 58 -15.76 39.59 -10.62
C SER F 58 -16.90 39.57 -9.61
N THR F 59 -18.14 39.75 -10.07
CA THR F 59 -19.27 39.84 -9.17
C THR F 59 -19.63 38.49 -8.56
N GLU F 60 -19.44 37.40 -9.32
CA GLU F 60 -19.94 36.09 -8.93
C GLU F 60 -19.13 35.50 -7.78
N LEU F 61 -19.83 34.93 -6.82
CA LEU F 61 -19.24 34.19 -5.70
C LEU F 61 -19.59 32.72 -5.82
N LEU F 62 -18.57 31.85 -5.75
CA LEU F 62 -18.75 30.45 -6.05
C LEU F 62 -19.32 29.64 -4.89
N ILE F 63 -19.27 30.16 -3.66
CA ILE F 63 -19.76 29.45 -2.49
C ILE F 63 -21.12 30.03 -2.12
N ARG F 64 -22.14 29.17 -2.09
CA ARG F 64 -23.49 29.61 -1.75
C ARG F 64 -23.56 30.08 -0.31
N LYS F 65 -24.36 31.13 -0.07
CA LYS F 65 -24.26 31.89 1.17
C LYS F 65 -24.81 31.11 2.37
N LEU F 66 -25.97 30.45 2.22
CA LEU F 66 -26.69 29.97 3.40
C LEU F 66 -26.01 28.79 4.09
N PRO F 67 -25.66 27.69 3.42
CA PRO F 67 -24.95 26.61 4.13
C PRO F 67 -23.58 27.03 4.64
N PHE F 68 -22.89 27.89 3.90
CA PHE F 68 -21.61 28.41 4.38
C PHE F 68 -21.79 29.21 5.66
N GLN F 69 -22.83 30.06 5.71
CA GLN F 69 -23.09 30.85 6.90
C GLN F 69 -23.49 29.97 8.08
N ARG F 70 -24.24 28.89 7.80
CA ARG F 70 -24.58 27.96 8.87
C ARG F 70 -23.33 27.27 9.43
N LEU F 71 -22.39 26.92 8.55
CA LEU F 71 -21.13 26.34 9.02
C LEU F 71 -20.35 27.36 9.85
N VAL F 72 -20.32 28.62 9.41
CA VAL F 72 -19.62 29.66 10.14
C VAL F 72 -20.22 29.83 11.54
N ARG F 73 -21.54 29.88 11.61
CA ARG F 73 -22.21 30.02 12.90
C ARG F 73 -22.00 28.79 13.78
N GLU F 74 -21.90 27.60 13.20
CA GLU F 74 -21.64 26.42 13.99
C GLU F 74 -20.24 26.46 14.59
N ILE F 75 -19.25 26.87 13.79
CA ILE F 75 -17.89 27.00 14.31
C ILE F 75 -17.83 28.08 15.39
N ALA F 76 -18.58 29.16 15.21
CA ALA F 76 -18.63 30.20 16.24
C ALA F 76 -19.24 29.68 17.52
N GLN F 77 -20.31 28.88 17.41
CA GLN F 77 -20.95 28.29 18.59
C GLN F 77 -20.00 27.37 19.33
N ASP F 78 -19.21 26.59 18.59
CA ASP F 78 -18.25 25.71 19.23
C ASP F 78 -17.18 26.47 20.00
N PHE F 79 -16.92 27.73 19.63
CA PHE F 79 -15.93 28.56 20.34
C PHE F 79 -16.58 29.35 21.48
N LYS F 80 -17.34 30.39 21.14
CA LYS F 80 -18.07 31.18 22.12
C LYS F 80 -19.52 31.32 21.70
N THR F 81 -20.43 31.21 22.67
CA THR F 81 -21.84 31.01 22.36
C THR F 81 -22.57 32.29 21.94
N ASP F 82 -22.21 33.46 22.48
CA ASP F 82 -23.05 34.62 22.34
C ASP F 82 -22.68 35.55 21.19
N LEU F 83 -21.73 35.17 20.33
CA LEU F 83 -21.36 36.04 19.21
C LEU F 83 -22.29 35.85 18.03
N ARG F 84 -22.67 36.96 17.40
CA ARG F 84 -23.40 36.95 16.14
C ARG F 84 -22.48 37.41 15.01
N PHE F 85 -22.72 36.90 13.81
CA PHE F 85 -21.91 37.24 12.65
C PHE F 85 -22.62 38.23 11.74
N GLN F 86 -21.89 39.28 11.35
CA GLN F 86 -22.41 40.28 10.43
C GLN F 86 -22.35 39.77 8.98
N SER F 87 -23.23 40.34 8.15
CA SER F 87 -23.24 39.96 6.73
C SER F 87 -21.95 40.33 6.04
N SER F 88 -21.39 41.50 6.37
CA SER F 88 -20.09 41.88 5.82
C SER F 88 -19.02 40.87 6.21
N ALA F 89 -19.06 40.39 7.45
CA ALA F 89 -18.07 39.42 7.91
C ALA F 89 -18.22 38.08 7.21
N VAL F 90 -19.46 37.62 7.02
CA VAL F 90 -19.63 36.33 6.36
C VAL F 90 -19.29 36.44 4.87
N MET F 91 -19.50 37.61 4.26
CA MET F 91 -19.08 37.76 2.87
C MET F 91 -17.56 37.82 2.75
N ALA F 92 -16.90 38.49 3.71
CA ALA F 92 -15.44 38.48 3.72
C ALA F 92 -14.90 37.07 3.89
N LEU F 93 -15.52 36.29 4.79
CA LEU F 93 -15.11 34.90 4.97
C LEU F 93 -15.35 34.09 3.71
N GLN F 94 -16.47 34.33 3.02
CA GLN F 94 -16.75 33.66 1.76
C GLN F 94 -15.66 33.93 0.73
N GLU F 95 -15.34 35.21 0.52
CA GLU F 95 -14.33 35.56 -0.47
C GLU F 95 -12.97 34.99 -0.09
N ALA F 96 -12.63 35.03 1.21
CA ALA F 96 -11.36 34.49 1.66
C ALA F 96 -11.28 32.99 1.39
N CYS F 97 -12.34 32.25 1.74
CA CYS F 97 -12.35 30.82 1.50
C CYS F 97 -12.26 30.50 0.01
N GLU F 98 -12.96 31.28 -0.82
CA GLU F 98 -12.93 31.03 -2.26
C GLU F 98 -11.52 31.24 -2.82
N ALA F 99 -10.88 32.36 -2.47
CA ALA F 99 -9.52 32.61 -2.94
C ALA F 99 -8.55 31.55 -2.43
N TYR F 100 -8.67 31.19 -1.14
CA TYR F 100 -7.81 30.18 -0.55
C TYR F 100 -7.93 28.86 -1.29
N LEU F 101 -9.16 28.41 -1.54
CA LEU F 101 -9.36 27.14 -2.22
C LEU F 101 -8.90 27.21 -3.67
N VAL F 102 -9.07 28.35 -4.34
CA VAL F 102 -8.65 28.45 -5.74
C VAL F 102 -7.13 28.37 -5.85
N GLY F 103 -6.41 29.05 -4.95
CA GLY F 103 -4.97 28.93 -4.96
C GLY F 103 -4.51 27.52 -4.61
N LEU F 104 -5.16 26.91 -3.62
CA LEU F 104 -4.85 25.53 -3.27
C LEU F 104 -5.05 24.60 -4.45
N PHE F 105 -6.13 24.80 -5.22
CA PHE F 105 -6.40 23.91 -6.34
C PHE F 105 -5.43 24.17 -7.50
N GLU F 106 -5.01 25.42 -7.69
CA GLU F 106 -3.96 25.69 -8.67
C GLU F 106 -2.70 24.90 -8.35
N ASP F 107 -2.24 24.97 -7.09
CA ASP F 107 -1.02 24.23 -6.74
C ASP F 107 -1.26 22.72 -6.70
N THR F 108 -2.47 22.29 -6.38
CA THR F 108 -2.81 20.87 -6.47
C THR F 108 -2.71 20.38 -7.90
N ASN F 109 -3.22 21.16 -8.85
CA ASN F 109 -3.13 20.78 -10.25
C ASN F 109 -1.69 20.81 -10.75
N LEU F 110 -0.86 21.72 -10.22
CA LEU F 110 0.56 21.69 -10.56
C LEU F 110 1.22 20.41 -10.05
N CYS F 111 0.97 20.09 -8.78
CA CYS F 111 1.51 18.85 -8.20
C CYS F 111 1.08 17.64 -8.99
N ALA F 112 -0.18 17.64 -9.48
CA ALA F 112 -0.67 16.51 -10.26
C ALA F 112 -0.13 16.49 -11.69
N ILE F 113 0.14 17.67 -12.25
CA ILE F 113 0.82 17.75 -13.55
C ILE F 113 2.17 17.06 -13.46
N HIS F 114 2.92 17.35 -12.40
CA HIS F 114 4.05 16.51 -12.09
C HIS F 114 3.55 15.17 -11.52
N ALA F 115 4.42 14.18 -11.53
CA ALA F 115 4.05 12.79 -11.27
C ALA F 115 3.06 12.24 -12.29
N LYS F 116 2.79 13.00 -13.36
CA LYS F 116 2.08 12.52 -14.54
C LYS F 116 0.72 11.93 -14.18
N ARG F 117 -0.08 12.71 -13.46
CA ARG F 117 -1.43 12.31 -13.08
C ARG F 117 -2.45 13.17 -13.81
N VAL F 118 -3.48 12.54 -14.34
CA VAL F 118 -4.56 13.27 -14.99
C VAL F 118 -5.61 13.73 -13.98
N THR F 119 -5.86 12.91 -12.96
CA THR F 119 -6.85 13.21 -11.93
C THR F 119 -6.12 13.58 -10.66
N ILE F 120 -6.55 14.68 -10.02
CA ILE F 120 -5.93 15.08 -8.77
C ILE F 120 -6.39 14.17 -7.65
N MET F 121 -5.61 14.13 -6.58
CA MET F 121 -5.78 13.22 -5.47
C MET F 121 -5.70 13.97 -4.15
N PRO F 122 -6.26 13.40 -3.08
CA PRO F 122 -6.06 13.99 -1.75
C PRO F 122 -4.59 14.18 -1.42
N LYS F 123 -3.71 13.30 -1.88
CA LYS F 123 -2.28 13.51 -1.70
C LYS F 123 -1.83 14.79 -2.38
N ASP F 124 -2.36 15.06 -3.57
CA ASP F 124 -2.01 16.31 -4.26
C ASP F 124 -2.48 17.52 -3.46
N ILE F 125 -3.70 17.45 -2.90
CA ILE F 125 -4.18 18.57 -2.09
C ILE F 125 -3.28 18.76 -0.86
N GLN F 126 -2.88 17.66 -0.23
CA GLN F 126 -2.05 17.76 0.98
C GLN F 126 -0.68 18.32 0.66
N LEU F 127 -0.09 17.90 -0.47
CA LEU F 127 1.21 18.45 -0.86
C LEU F 127 1.10 19.92 -1.22
N ALA F 128 0.00 20.31 -1.87
CA ALA F 128 -0.22 21.74 -2.14
C ALA F 128 -0.31 22.53 -0.84
N ARG F 129 -1.06 22.00 0.14
CA ARG F 129 -1.10 22.64 1.45
C ARG F 129 0.30 22.80 2.03
N ARG F 130 1.10 21.75 1.96
CA ARG F 130 2.45 21.82 2.54
C ARG F 130 3.29 22.88 1.83
N ILE F 131 3.28 22.89 0.51
CA ILE F 131 4.16 23.79 -0.24
C ILE F 131 3.69 25.23 -0.11
N ARG F 132 2.40 25.46 0.15
CA ARG F 132 1.92 26.82 0.35
C ARG F 132 2.10 27.27 1.80
N GLY F 133 3.11 26.72 2.48
CA GLY F 133 3.48 27.18 3.80
C GLY F 133 2.56 26.78 4.92
N GLU F 134 1.52 25.99 4.66
CA GLU F 134 0.58 25.63 5.71
C GLU F 134 1.23 24.68 6.70
N ARG F 135 0.99 24.94 7.99
CA ARG F 135 1.62 24.19 9.06
C ARG F 135 0.60 23.91 10.16
N ALA F 136 0.64 22.70 10.70
CA ALA F 136 -0.28 22.31 11.77
C ALA F 136 0.06 23.03 13.07
N ARG G 23 -23.47 13.08 14.01
CA ARG G 23 -24.40 14.07 14.53
C ARG G 23 -24.20 15.40 13.80
N ASP G 24 -22.97 15.89 13.81
CA ASP G 24 -22.63 17.14 13.14
C ASP G 24 -21.84 16.81 11.87
N ASN G 25 -22.53 16.85 10.73
CA ASN G 25 -21.86 16.79 9.44
C ASN G 25 -22.22 18.02 8.61
N ILE G 26 -22.38 19.16 9.28
CA ILE G 26 -22.74 20.39 8.60
C ILE G 26 -21.62 20.82 7.67
N GLN G 27 -21.94 21.00 6.40
CA GLN G 27 -20.99 21.46 5.40
C GLN G 27 -21.33 22.88 4.98
N GLY G 28 -20.30 23.63 4.61
CA GLY G 28 -20.51 25.00 4.18
C GLY G 28 -20.39 25.15 2.67
N ILE G 29 -19.89 24.11 2.00
CA ILE G 29 -19.61 24.15 0.59
C ILE G 29 -20.22 22.92 -0.08
N THR G 30 -20.78 23.10 -1.28
CA THR G 30 -21.39 22.00 -2.01
C THR G 30 -20.37 21.39 -2.97
N LYS G 31 -20.71 20.19 -3.46
CA LYS G 31 -19.84 19.48 -4.38
C LYS G 31 -19.76 20.18 -5.74
N PRO G 32 -20.87 20.70 -6.28
CA PRO G 32 -20.72 21.57 -7.46
C PRO G 32 -19.84 22.77 -7.22
N ALA G 33 -19.93 23.39 -6.04
CA ALA G 33 -19.05 24.52 -5.73
C ALA G 33 -17.59 24.07 -5.70
N ILE G 34 -17.32 22.89 -5.15
CA ILE G 34 -15.96 22.35 -5.16
C ILE G 34 -15.48 22.15 -6.58
N ARG G 35 -16.36 21.64 -7.45
CA ARG G 35 -15.98 21.45 -8.85
C ARG G 35 -15.69 22.78 -9.53
N ARG G 36 -16.49 23.80 -9.24
CA ARG G 36 -16.27 25.11 -9.83
C ARG G 36 -14.95 25.71 -9.37
N LEU G 37 -14.62 25.55 -8.08
CA LEU G 37 -13.34 26.05 -7.59
C LEU G 37 -12.18 25.29 -8.20
N ALA G 38 -12.30 23.97 -8.37
CA ALA G 38 -11.26 23.20 -9.02
C ALA G 38 -11.07 23.63 -10.46
N ARG G 39 -12.17 23.91 -11.15
CA ARG G 39 -12.08 24.42 -12.51
C ARG G 39 -11.34 25.76 -12.54
N ARG G 40 -11.68 26.67 -11.62
CA ARG G 40 -10.97 27.93 -11.56
C ARG G 40 -9.48 27.72 -11.28
N GLY G 41 -9.16 26.66 -10.54
CA GLY G 41 -7.77 26.31 -10.33
C GLY G 41 -7.09 25.63 -11.49
N GLY G 42 -7.86 25.17 -12.47
CA GLY G 42 -7.30 24.50 -13.63
C GLY G 42 -7.32 22.99 -13.58
N VAL G 43 -7.94 22.40 -12.56
CA VAL G 43 -8.06 20.96 -12.47
C VAL G 43 -9.02 20.47 -13.55
N LYS G 44 -8.63 19.37 -14.21
CA LYS G 44 -9.45 18.78 -15.27
C LYS G 44 -10.32 17.63 -14.77
N ARG G 45 -9.82 16.81 -13.86
CA ARG G 45 -10.55 15.70 -13.29
C ARG G 45 -10.22 15.57 -11.81
N ILE G 46 -11.24 15.35 -11.00
CA ILE G 46 -11.07 15.20 -9.55
C ILE G 46 -11.46 13.79 -9.15
N SER G 47 -10.82 13.30 -8.10
CA SER G 47 -11.17 12.01 -7.54
C SER G 47 -12.40 12.14 -6.64
N GLY G 48 -12.98 11.00 -6.27
CA GLY G 48 -14.13 11.02 -5.39
C GLY G 48 -13.80 11.58 -4.02
N LEU G 49 -12.65 11.18 -3.47
CA LEU G 49 -12.21 11.62 -2.15
C LEU G 49 -11.86 13.10 -2.09
N ILE G 50 -11.83 13.78 -3.25
CA ILE G 50 -11.49 15.20 -3.28
C ILE G 50 -12.53 16.01 -2.52
N TYR G 51 -13.80 15.60 -2.60
CA TYR G 51 -14.84 16.35 -1.90
C TYR G 51 -14.58 16.37 -0.40
N GLU G 52 -14.37 15.19 0.20
CA GLU G 52 -14.13 15.13 1.65
C GLU G 52 -12.83 15.82 2.02
N GLU G 53 -11.78 15.66 1.20
CA GLU G 53 -10.51 16.32 1.51
C GLU G 53 -10.65 17.84 1.50
N THR G 54 -11.30 18.37 0.46
CA THR G 54 -11.52 19.81 0.36
C THR G 54 -12.37 20.32 1.52
N ARG G 55 -13.40 19.56 1.90
CA ARG G 55 -14.23 19.97 3.04
C ARG G 55 -13.42 20.04 4.32
N GLY G 56 -12.55 19.04 4.54
CA GLY G 56 -11.71 19.07 5.73
C GLY G 56 -10.77 20.26 5.75
N VAL G 57 -10.13 20.53 4.61
CA VAL G 57 -9.20 21.65 4.53
C VAL G 57 -9.93 22.97 4.76
N LEU G 58 -11.12 23.12 4.17
CA LEU G 58 -11.91 24.33 4.36
C LEU G 58 -12.29 24.50 5.83
N LYS G 59 -12.64 23.40 6.49
CA LYS G 59 -13.00 23.50 7.91
C LYS G 59 -11.82 23.94 8.75
N VAL G 60 -10.62 23.42 8.45
CA VAL G 60 -9.43 23.83 9.19
C VAL G 60 -9.17 25.33 9.00
N PHE G 61 -9.23 25.79 7.74
CA PHE G 61 -9.01 27.19 7.45
C PHE G 61 -10.02 28.08 8.18
N LEU G 62 -11.31 27.72 8.07
CA LEU G 62 -12.36 28.50 8.73
C LEU G 62 -12.20 28.49 10.24
N GLU G 63 -11.77 27.35 10.80
CA GLU G 63 -11.55 27.27 12.24
C GLU G 63 -10.47 28.25 12.68
N ASN G 64 -9.33 28.24 11.99
CA ASN G 64 -8.24 29.15 12.36
C ASN G 64 -8.68 30.61 12.23
N VAL G 65 -9.29 30.96 11.09
CA VAL G 65 -9.67 32.36 10.85
C VAL G 65 -10.73 32.81 11.86
N ILE G 66 -11.73 31.97 12.11
CA ILE G 66 -12.81 32.34 13.03
C ILE G 66 -12.29 32.45 14.46
N ARG G 67 -11.39 31.56 14.86
CA ARG G 67 -10.81 31.66 16.20
C ARG G 67 -10.04 32.97 16.37
N ASP G 68 -9.21 33.32 15.38
CA ASP G 68 -8.49 34.59 15.47
C ASP G 68 -9.45 35.78 15.49
N ALA G 69 -10.52 35.71 14.69
CA ALA G 69 -11.48 36.83 14.63
C ALA G 69 -12.25 36.97 15.93
N VAL G 70 -12.64 35.84 16.54
CA VAL G 70 -13.34 35.91 17.82
C VAL G 70 -12.42 36.45 18.91
N THR G 71 -11.13 36.09 18.86
CA THR G 71 -10.17 36.67 19.79
C THR G 71 -10.11 38.18 19.62
N TYR G 72 -10.00 38.65 18.36
CA TYR G 72 -9.97 40.08 18.10
C TYR G 72 -11.23 40.78 18.59
N THR G 73 -12.39 40.17 18.35
CA THR G 73 -13.65 40.81 18.74
C THR G 73 -13.80 40.86 20.26
N GLU G 74 -13.40 39.80 20.96
CA GLU G 74 -13.47 39.81 22.42
C GLU G 74 -12.48 40.80 23.00
N HIS G 75 -11.34 41.02 22.32
CA HIS G 75 -10.45 42.10 22.72
C HIS G 75 -11.11 43.47 22.51
N ALA G 76 -11.75 43.66 21.35
CA ALA G 76 -12.42 44.91 21.04
C ALA G 76 -13.69 45.13 21.86
N LYS G 77 -14.11 44.14 22.65
CA LYS G 77 -15.26 44.26 23.55
C LYS G 77 -16.57 44.44 22.80
N ARG G 78 -16.66 43.90 21.59
CA ARG G 78 -17.89 43.90 20.81
C ARG G 78 -18.56 42.53 20.90
N LYS G 79 -19.87 42.52 20.66
CA LYS G 79 -20.65 41.29 20.70
C LYS G 79 -20.89 40.71 19.31
N THR G 80 -20.51 41.42 18.26
CA THR G 80 -20.69 40.97 16.88
C THR G 80 -19.38 41.15 16.14
N VAL G 81 -18.86 40.04 15.58
CA VAL G 81 -17.63 40.10 14.81
C VAL G 81 -17.92 40.81 13.49
N THR G 82 -17.02 41.74 13.12
CA THR G 82 -17.20 42.57 11.94
C THR G 82 -16.21 42.17 10.86
N ALA G 83 -16.47 42.68 9.64
CA ALA G 83 -15.57 42.41 8.52
C ALA G 83 -14.16 42.90 8.79
N MET G 84 -14.00 43.98 9.56
CA MET G 84 -12.67 44.44 9.90
C MET G 84 -11.97 43.44 10.83
N ASP G 85 -12.70 42.88 11.78
CA ASP G 85 -12.15 41.80 12.60
C ASP G 85 -11.76 40.61 11.73
N VAL G 86 -12.57 40.31 10.71
CA VAL G 86 -12.27 39.20 9.82
C VAL G 86 -10.98 39.48 9.04
N VAL G 87 -10.82 40.71 8.57
CA VAL G 87 -9.60 41.06 7.84
C VAL G 87 -8.37 40.98 8.75
N TYR G 88 -8.50 41.45 9.99
CA TYR G 88 -7.39 41.34 10.94
C TYR G 88 -7.05 39.87 11.21
N ALA G 89 -8.07 39.01 11.30
CA ALA G 89 -7.80 37.59 11.49
C ALA G 89 -7.16 36.96 10.25
N LEU G 90 -7.54 37.44 9.07
CA LEU G 90 -6.98 36.91 7.83
C LEU G 90 -5.53 37.31 7.66
N LYS G 91 -5.17 38.52 8.11
CA LYS G 91 -3.78 38.94 8.04
C LYS G 91 -2.85 38.02 8.82
N ARG G 92 -3.38 37.31 9.82
CA ARG G 92 -2.57 36.39 10.62
C ARG G 92 -2.32 35.05 9.93
N GLN G 93 -2.99 34.78 8.81
CA GLN G 93 -2.88 33.47 8.20
C GLN G 93 -1.60 33.29 7.40
N GLY G 94 -1.00 34.37 6.91
CA GLY G 94 0.18 34.26 6.08
C GLY G 94 -0.14 34.40 4.61
N ARG G 95 0.76 35.02 3.86
CA ARG G 95 0.52 35.39 2.47
C ARG G 95 1.49 34.64 1.58
N THR G 96 0.94 33.93 0.59
CA THR G 96 1.74 33.11 -0.32
C THR G 96 1.93 33.83 -1.65
N LEU G 97 3.18 34.07 -2.01
CA LEU G 97 3.60 34.66 -3.26
C LEU G 97 4.26 33.61 -4.15
N TYR G 98 4.24 33.87 -5.45
CA TYR G 98 4.74 32.95 -6.46
C TYR G 98 6.14 33.32 -6.95
N GLY G 99 6.98 33.78 -6.03
CA GLY G 99 8.30 34.27 -6.38
C GLY G 99 8.83 35.17 -5.29
N PHE G 100 10.09 35.58 -5.47
CA PHE G 100 10.79 36.34 -4.43
C PHE G 100 10.71 37.85 -4.64
N GLY G 101 10.81 38.31 -5.89
CA GLY G 101 10.82 39.74 -6.15
C GLY G 101 9.49 40.44 -5.97
N GLY G 102 8.39 39.69 -5.88
CA GLY G 102 7.07 40.27 -5.75
C GLY G 102 6.76 40.80 -4.37
N ASP H 3 0.12 27.87 -43.90
CA ASP H 3 0.90 28.34 -42.77
C ASP H 3 1.52 29.70 -43.04
N SER H 4 2.08 29.87 -44.23
CA SER H 4 2.64 31.16 -44.60
C SER H 4 1.55 32.24 -44.59
N GLU H 5 0.35 31.89 -45.02
CA GLU H 5 -0.78 32.82 -44.94
C GLU H 5 -1.13 33.13 -43.49
N ALA H 6 -0.96 32.16 -42.60
CA ALA H 6 -1.23 32.39 -41.19
C ALA H 6 -0.21 33.35 -40.58
N LYS H 7 1.07 33.17 -40.91
CA LYS H 7 2.09 34.10 -40.42
C LYS H 7 1.91 35.49 -41.02
N LYS H 8 1.48 35.57 -42.28
CA LYS H 8 1.15 36.88 -42.86
C LYS H 8 0.00 37.53 -42.10
N LEU H 9 -1.03 36.76 -41.75
CA LEU H 9 -2.11 37.28 -40.91
C LEU H 9 -1.57 37.78 -39.58
N LEU H 10 -0.66 37.03 -38.97
CA LEU H 10 -0.08 37.43 -37.69
C LEU H 10 0.65 38.76 -37.82
N GLY H 11 1.46 38.90 -38.87
CA GLY H 11 2.15 40.15 -39.09
C GLY H 11 1.20 41.30 -39.34
N LEU H 12 0.12 41.04 -40.09
CA LEU H 12 -0.89 42.05 -40.32
C LEU H 12 -1.50 42.53 -39.02
N GLY H 13 -1.83 41.59 -38.13
CA GLY H 13 -2.40 41.97 -36.85
C GLY H 13 -1.44 42.77 -36.00
N GLN H 14 -0.16 42.39 -36.03
CA GLN H 14 0.83 43.15 -35.27
C GLN H 14 0.95 44.58 -35.80
N LYS H 15 1.00 44.74 -37.13
CA LYS H 15 1.06 46.07 -37.71
C LYS H 15 -0.19 46.88 -37.38
N HIS H 16 -1.35 46.22 -37.30
CA HIS H 16 -2.57 46.92 -36.92
C HIS H 16 -2.52 47.34 -35.45
N LEU H 17 -1.96 46.48 -34.60
CA LEU H 17 -1.78 46.83 -33.19
C LEU H 17 -0.89 48.05 -33.03
N VAL H 18 0.22 48.10 -33.78
CA VAL H 18 1.12 49.25 -33.68
C VAL H 18 0.42 50.50 -34.20
N MET H 19 -0.40 50.37 -35.24
CA MET H 19 -1.11 51.53 -35.79
C MET H 19 -2.21 52.01 -34.86
N GLY H 20 -2.80 51.12 -34.08
CA GLY H 20 -3.91 51.49 -33.21
C GLY H 20 -5.28 51.05 -33.68
N ASP H 21 -5.39 50.41 -34.85
CA ASP H 21 -6.66 49.87 -35.32
C ASP H 21 -6.85 48.52 -34.64
N ILE H 22 -7.25 48.58 -33.36
CA ILE H 22 -7.39 47.37 -32.56
C ILE H 22 -8.47 46.44 -33.09
N PRO H 23 -9.65 46.92 -33.54
CA PRO H 23 -10.61 45.97 -34.12
C PRO H 23 -10.06 45.15 -35.28
N ALA H 24 -9.38 45.81 -36.23
CA ALA H 24 -8.80 45.08 -37.35
C ALA H 24 -7.69 44.14 -36.88
N ALA H 25 -6.94 44.55 -35.86
CA ALA H 25 -5.93 43.66 -35.28
C ALA H 25 -6.57 42.41 -34.70
N VAL H 26 -7.68 42.59 -33.96
CA VAL H 26 -8.39 41.45 -33.39
C VAL H 26 -8.88 40.54 -34.50
N ASN H 27 -9.40 41.11 -35.59
CA ASN H 27 -9.92 40.30 -36.68
C ASN H 27 -8.81 39.45 -37.31
N ALA H 28 -7.67 40.08 -37.59
CA ALA H 28 -6.55 39.35 -38.21
C ALA H 28 -6.01 38.28 -37.27
N PHE H 29 -5.82 38.63 -35.99
CA PHE H 29 -5.30 37.66 -35.03
C PHE H 29 -6.28 36.50 -34.83
N GLN H 30 -7.57 36.80 -34.82
CA GLN H 30 -8.58 35.75 -34.70
C GLN H 30 -8.53 34.81 -35.88
N GLU H 31 -8.39 35.35 -37.10
CA GLU H 31 -8.29 34.49 -38.27
C GLU H 31 -7.04 33.61 -38.20
N ALA H 32 -5.91 34.19 -37.79
CA ALA H 32 -4.68 33.42 -37.68
C ALA H 32 -4.81 32.30 -36.65
N ALA H 33 -5.36 32.63 -35.47
CA ALA H 33 -5.54 31.63 -34.42
C ALA H 33 -6.48 30.53 -34.88
N SER H 34 -7.55 30.90 -35.59
CA SER H 34 -8.47 29.89 -36.11
C SER H 34 -7.78 28.97 -37.08
N LEU H 35 -6.97 29.51 -37.99
CA LEU H 35 -6.25 28.67 -38.94
C LEU H 35 -5.30 27.72 -38.23
N LEU H 36 -4.48 28.24 -37.30
CA LEU H 36 -3.52 27.40 -36.61
C LEU H 36 -4.21 26.30 -35.80
N GLY H 37 -5.31 26.65 -35.12
CA GLY H 37 -6.03 25.65 -34.35
C GLY H 37 -6.73 24.61 -35.20
N LYS H 38 -7.29 25.04 -36.34
CA LYS H 38 -7.96 24.11 -37.23
C LYS H 38 -6.96 23.17 -37.91
N LYS H 39 -5.71 23.60 -38.07
CA LYS H 39 -4.69 22.72 -38.65
C LYS H 39 -4.04 21.83 -37.58
N TYR H 40 -3.24 22.45 -36.70
CA TYR H 40 -2.42 21.71 -35.75
C TYR H 40 -3.16 21.28 -34.49
N GLY H 41 -4.34 21.80 -34.25
CA GLY H 41 -5.03 21.52 -33.01
C GLY H 41 -4.90 22.65 -32.02
N GLU H 42 -5.95 22.88 -31.24
CA GLU H 42 -6.04 24.01 -30.33
C GLU H 42 -5.17 23.84 -29.07
N THR H 43 -4.17 22.97 -29.13
CA THR H 43 -3.27 22.74 -28.01
C THR H 43 -1.80 22.70 -28.44
N ALA H 44 -1.53 22.39 -29.70
CA ALA H 44 -0.16 22.18 -30.17
C ALA H 44 0.68 23.45 -30.00
N ASN H 45 1.99 23.29 -30.18
CA ASN H 45 2.92 24.37 -29.88
C ASN H 45 2.87 25.48 -30.93
N GLU H 46 2.49 25.14 -32.17
CA GLU H 46 2.47 26.13 -33.24
C GLU H 46 1.42 27.22 -33.02
N CYS H 47 0.42 26.97 -32.17
CA CYS H 47 -0.64 27.94 -31.92
C CYS H 47 -0.31 28.91 -30.79
N GLY H 48 0.82 28.75 -30.11
CA GLY H 48 1.17 29.56 -28.96
C GLY H 48 1.18 31.05 -29.20
N GLU H 49 2.05 31.50 -30.12
CA GLU H 49 2.17 32.93 -30.39
C GLU H 49 0.88 33.49 -30.96
N ALA H 50 0.22 32.72 -31.83
CA ALA H 50 -1.05 33.18 -32.40
C ALA H 50 -2.08 33.43 -31.31
N PHE H 51 -2.24 32.47 -30.39
CA PHE H 51 -3.20 32.63 -29.31
C PHE H 51 -2.80 33.78 -28.39
N PHE H 52 -1.50 33.94 -28.15
CA PHE H 52 -1.05 35.03 -27.29
C PHE H 52 -1.40 36.39 -27.89
N PHE H 53 -1.10 36.58 -29.18
CA PHE H 53 -1.42 37.86 -29.82
C PHE H 53 -2.92 38.06 -29.95
N TYR H 54 -3.69 36.98 -30.15
CA TYR H 54 -5.14 37.09 -30.14
C TYR H 54 -5.64 37.60 -28.79
N GLY H 55 -5.18 36.98 -27.70
CA GLY H 55 -5.60 37.42 -26.38
C GLY H 55 -5.14 38.84 -26.06
N LYS H 56 -3.96 39.21 -26.54
CA LYS H 56 -3.47 40.57 -26.35
C LYS H 56 -4.37 41.58 -27.07
N SER H 57 -4.74 41.27 -28.31
CA SER H 57 -5.64 42.17 -29.05
C SER H 57 -7.01 42.24 -28.39
N LEU H 58 -7.49 41.12 -27.85
CA LEU H 58 -8.78 41.15 -27.14
C LEU H 58 -8.70 42.00 -25.88
N LEU H 59 -7.57 41.94 -25.16
CA LEU H 59 -7.38 42.81 -24.01
C LEU H 59 -7.37 44.27 -24.44
N GLU H 60 -6.70 44.58 -25.56
CA GLU H 60 -6.68 45.95 -26.06
C GLU H 60 -8.09 46.42 -26.42
N LEU H 61 -8.88 45.55 -27.04
CA LEU H 61 -10.27 45.87 -27.36
C LEU H 61 -11.07 46.18 -26.11
N ALA H 62 -10.96 45.31 -25.10
CA ALA H 62 -11.66 45.54 -23.84
C ALA H 62 -11.23 46.86 -23.21
N ARG H 63 -9.93 47.18 -23.29
CA ARG H 63 -9.45 48.43 -22.72
C ARG H 63 -10.04 49.63 -23.44
N MET H 64 -10.10 49.59 -24.78
CA MET H 64 -10.71 50.71 -25.49
C MET H 64 -12.20 50.80 -25.18
N GLU H 65 -12.87 49.68 -24.92
CA GLU H 65 -14.30 49.68 -24.61
C GLU H 65 -14.54 50.06 -23.15
N ASN H 66 -14.08 51.26 -22.79
CA ASN H 66 -14.28 51.81 -21.46
C ASN H 66 -14.40 53.32 -21.51
N ILE H 136 -19.29 35.09 -25.80
CA ILE H 136 -18.19 35.25 -24.84
C ILE H 136 -17.80 36.72 -24.74
N GLY H 137 -17.50 37.16 -23.51
CA GLY H 137 -17.02 38.52 -23.31
C GLY H 137 -15.59 38.69 -23.78
N ASN H 138 -15.21 39.95 -24.03
CA ASN H 138 -13.87 40.23 -24.51
C ASN H 138 -12.81 39.83 -23.48
N LEU H 139 -13.03 40.19 -22.21
CA LEU H 139 -12.08 39.82 -21.17
C LEU H 139 -12.04 38.31 -20.96
N GLU H 140 -13.19 37.64 -21.01
CA GLU H 140 -13.21 36.19 -20.83
C GLU H 140 -12.47 35.48 -21.95
N LEU H 141 -12.71 35.90 -23.20
CA LEU H 141 -12.01 35.29 -24.32
C LEU H 141 -10.52 35.59 -24.28
N ALA H 142 -10.14 36.81 -23.85
CA ALA H 142 -8.73 37.14 -23.70
C ALA H 142 -8.08 36.25 -22.65
N TRP H 143 -8.75 36.06 -21.51
CA TRP H 143 -8.23 35.15 -20.49
C TRP H 143 -8.06 33.75 -21.05
N ASP H 144 -9.06 33.25 -21.78
CA ASP H 144 -8.98 31.91 -22.35
C ASP H 144 -7.76 31.78 -23.27
N MET H 145 -7.62 32.73 -24.21
CA MET H 145 -6.52 32.66 -25.16
C MET H 145 -5.18 32.75 -24.46
N LEU H 146 -5.05 33.68 -23.51
CA LEU H 146 -3.78 33.89 -22.85
C LEU H 146 -3.42 32.71 -21.95
N ASP H 147 -4.40 32.07 -21.33
CA ASP H 147 -4.09 30.91 -20.49
C ASP H 147 -3.72 29.70 -21.34
N LEU H 148 -4.39 29.52 -22.49
CA LEU H 148 -3.97 28.49 -23.43
C LEU H 148 -2.54 28.73 -23.88
N ALA H 149 -2.21 29.97 -24.26
CA ALA H 149 -0.86 30.30 -24.67
C ALA H 149 0.14 30.05 -23.55
N LYS H 150 -0.25 30.40 -22.31
CA LYS H 150 0.64 30.18 -21.17
C LYS H 150 0.92 28.70 -20.96
N ILE H 151 -0.10 27.86 -21.10
CA ILE H 151 0.11 26.42 -21.02
C ILE H 151 1.07 25.96 -22.11
N ILE H 152 0.82 26.37 -23.35
CA ILE H 152 1.64 25.92 -24.47
C ILE H 152 3.08 26.36 -24.29
N PHE H 153 3.29 27.55 -23.73
CA PHE H 153 4.65 28.05 -23.53
C PHE H 153 5.34 27.35 -22.37
N LYS H 154 4.66 27.24 -21.23
CA LYS H 154 5.26 26.60 -20.06
C LYS H 154 5.63 25.15 -20.34
N ARG H 155 4.84 24.47 -21.19
CA ARG H 155 5.12 23.08 -21.48
C ARG H 155 6.44 22.88 -22.23
N GLN H 156 6.92 23.90 -22.93
CA GLN H 156 8.17 23.84 -23.67
C GLN H 156 9.33 24.33 -22.82
N GLU H 157 10.41 23.56 -22.77
CA GLU H 157 11.54 23.85 -21.88
C GLU H 157 12.65 24.57 -22.66
N THR H 158 12.33 25.81 -23.07
CA THR H 158 13.32 26.68 -23.69
C THR H 158 13.18 28.09 -23.12
N LYS H 159 14.21 28.91 -23.36
CA LYS H 159 14.19 30.28 -22.84
C LYS H 159 13.11 31.12 -23.52
N GLU H 160 12.98 31.00 -24.84
CA GLU H 160 11.92 31.71 -25.56
C GLU H 160 10.55 31.31 -25.03
N ALA H 161 10.33 30.01 -24.83
CA ALA H 161 9.03 29.57 -24.36
C ALA H 161 8.75 30.09 -22.96
N GLN H 162 9.77 30.10 -22.09
CA GLN H 162 9.57 30.57 -20.73
C GLN H 162 9.30 32.07 -20.69
N LEU H 163 10.02 32.84 -21.51
CA LEU H 163 9.77 34.29 -21.54
C LEU H 163 8.42 34.61 -22.17
N TYR H 164 8.00 33.83 -23.17
CA TYR H 164 6.66 34.00 -23.73
C TYR H 164 5.60 33.65 -22.69
N ALA H 165 5.86 32.63 -21.86
CA ALA H 165 4.95 32.30 -20.78
C ALA H 165 4.88 33.43 -19.76
N ALA H 166 6.03 34.07 -19.50
CA ALA H 166 6.04 35.24 -18.63
C ALA H 166 5.19 36.36 -19.22
N GLN H 167 5.28 36.58 -20.53
CA GLN H 167 4.47 37.60 -21.17
C GLN H 167 2.99 37.25 -21.12
N ALA H 168 2.66 35.97 -21.30
CA ALA H 168 1.28 35.53 -21.18
C ALA H 168 0.77 35.75 -19.76
N HIS H 169 1.62 35.50 -18.75
CA HIS H 169 1.24 35.78 -17.37
C HIS H 169 1.00 37.27 -17.15
N LEU H 170 1.87 38.11 -17.71
CA LEU H 170 1.69 39.56 -17.56
C LEU H 170 0.38 40.01 -18.18
N LYS H 171 0.04 39.48 -19.36
CA LYS H 171 -1.21 39.85 -19.99
C LYS H 171 -2.41 39.27 -19.23
N LEU H 172 -2.27 38.08 -18.65
CA LEU H 172 -3.32 37.55 -17.79
C LEU H 172 -3.55 38.43 -16.57
N GLY H 173 -2.47 38.94 -15.98
CA GLY H 173 -2.60 39.85 -14.86
C GLY H 173 -3.26 41.15 -15.26
N GLU H 174 -2.93 41.66 -16.45
CA GLU H 174 -3.59 42.86 -16.93
C GLU H 174 -5.07 42.62 -17.19
N VAL H 175 -5.41 41.45 -17.73
CA VAL H 175 -6.81 41.09 -17.92
C VAL H 175 -7.52 41.01 -16.57
N SER H 176 -6.84 40.48 -15.56
CA SER H 176 -7.44 40.40 -14.23
C SER H 176 -7.66 41.79 -13.64
N VAL H 177 -6.69 42.69 -13.81
CA VAL H 177 -6.88 44.07 -13.36
C VAL H 177 -8.08 44.69 -14.05
N GLU H 178 -8.18 44.50 -15.36
CA GLU H 178 -9.33 45.03 -16.10
C GLU H 178 -10.62 44.33 -15.68
N SER H 179 -10.54 43.07 -15.25
CA SER H 179 -11.70 42.33 -14.77
C SER H 179 -11.95 42.55 -13.29
N GLU H 180 -11.19 43.43 -12.64
CA GLU H 180 -11.35 43.75 -11.23
C GLU H 180 -11.08 42.55 -10.32
N ASN H 181 -10.16 41.66 -10.74
CA ASN H 181 -9.74 40.50 -9.96
C ASN H 181 -8.29 40.75 -9.54
N TYR H 182 -8.11 41.47 -8.44
CA TYR H 182 -6.79 41.98 -8.09
C TYR H 182 -5.90 40.93 -7.44
N VAL H 183 -6.49 39.96 -6.72
CA VAL H 183 -5.68 38.89 -6.15
C VAL H 183 -5.07 38.04 -7.27
N GLN H 184 -5.91 37.62 -8.21
CA GLN H 184 -5.41 36.88 -9.36
C GLN H 184 -4.43 37.72 -10.17
N ALA H 185 -4.63 39.03 -10.20
CA ALA H 185 -3.71 39.91 -10.92
C ALA H 185 -2.32 39.88 -10.28
N VAL H 186 -2.25 40.02 -8.95
CA VAL H 186 -0.94 39.98 -8.31
C VAL H 186 -0.31 38.61 -8.47
N GLU H 187 -1.12 37.55 -8.48
CA GLU H 187 -0.56 36.21 -8.71
C GLU H 187 0.06 36.11 -10.10
N GLU H 188 -0.66 36.57 -11.12
CA GLU H 188 -0.14 36.48 -12.49
C GLU H 188 1.11 37.34 -12.66
N PHE H 189 1.10 38.55 -12.09
CA PHE H 189 2.26 39.42 -12.18
C PHE H 189 3.47 38.81 -11.47
N GLN H 190 3.24 38.18 -10.31
CA GLN H 190 4.32 37.51 -9.60
C GLN H 190 4.89 36.35 -10.41
N SER H 191 4.01 35.58 -11.06
CA SER H 191 4.48 34.46 -11.88
C SER H 191 5.35 34.97 -13.03
N CYS H 192 4.86 36.00 -13.72
CA CYS H 192 5.65 36.60 -14.79
C CYS H 192 6.99 37.09 -14.27
N LEU H 193 6.98 37.76 -13.11
CA LEU H 193 8.21 38.31 -12.57
C LEU H 193 9.18 37.21 -12.16
N ASN H 194 8.67 36.09 -11.65
CA ASN H 194 9.53 34.98 -11.29
C ASN H 194 10.22 34.41 -12.52
N LEU H 195 9.47 34.16 -13.59
CA LEU H 195 10.07 33.69 -14.83
C LEU H 195 11.09 34.69 -15.36
N GLN H 196 10.74 35.98 -15.35
CA GLN H 196 11.62 37.00 -15.91
C GLN H 196 12.89 37.14 -15.09
N GLU H 197 12.78 37.09 -13.76
CA GLU H 197 13.96 37.22 -12.92
C GLU H 197 14.87 36.01 -13.05
N GLN H 198 14.30 34.83 -13.30
CA GLN H 198 15.15 33.67 -13.47
C GLN H 198 15.67 33.49 -14.89
N TYR H 199 15.18 34.27 -15.87
CA TYR H 199 15.71 34.17 -17.23
C TYR H 199 16.28 35.46 -17.79
N LEU H 200 16.36 36.54 -17.01
CA LEU H 200 16.83 37.83 -17.51
C LEU H 200 17.93 38.39 -16.61
N GLU H 201 18.47 39.53 -17.03
CA GLU H 201 19.47 40.26 -16.26
C GLU H 201 18.79 41.31 -15.37
N ALA H 202 19.43 41.62 -14.24
CA ALA H 202 18.84 42.42 -13.18
C ALA H 202 18.57 43.86 -13.57
N HIS H 203 18.90 44.29 -14.78
CA HIS H 203 18.67 45.67 -15.22
C HIS H 203 17.73 45.72 -16.42
N ASP H 204 16.79 44.78 -16.50
CA ASP H 204 15.94 44.64 -17.67
C ASP H 204 14.71 45.54 -17.63
N ARG H 205 14.44 46.19 -18.77
CA ARG H 205 13.24 47.00 -18.92
C ARG H 205 11.98 46.19 -18.65
N LEU H 206 11.99 44.90 -19.03
CA LEU H 206 10.84 44.06 -18.74
C LEU H 206 10.62 43.93 -17.24
N LEU H 207 11.70 43.83 -16.48
CA LEU H 207 11.56 43.78 -15.03
C LEU H 207 10.99 45.09 -14.49
N ALA H 208 11.40 46.21 -15.07
CA ALA H 208 10.80 47.49 -14.68
C ALA H 208 9.30 47.50 -14.94
N GLU H 209 8.90 47.06 -16.15
CA GLU H 209 7.49 47.04 -16.50
C GLU H 209 6.69 46.12 -15.57
N THR H 210 7.24 44.96 -15.25
CA THR H 210 6.54 44.00 -14.39
C THR H 210 6.41 44.53 -12.97
N HIS H 211 7.46 45.15 -12.43
CA HIS H 211 7.36 45.75 -11.11
C HIS H 211 6.29 46.85 -11.09
N TYR H 212 6.22 47.63 -12.17
CA TYR H 212 5.20 48.69 -12.24
C TYR H 212 3.80 48.09 -12.23
N GLN H 213 3.57 47.07 -13.06
CA GLN H 213 2.26 46.41 -13.08
C GLN H 213 1.91 45.81 -11.73
N LEU H 214 2.90 45.25 -11.04
CA LEU H 214 2.66 44.64 -9.75
C LEU H 214 2.29 45.68 -8.71
N GLY H 215 2.99 46.83 -8.73
CA GLY H 215 2.61 47.91 -7.82
C GLY H 215 1.21 48.44 -8.11
N LEU H 216 0.84 48.51 -9.39
CA LEU H 216 -0.53 48.88 -9.76
C LEU H 216 -1.54 47.91 -9.14
N ALA H 217 -1.31 46.61 -9.34
CA ALA H 217 -2.26 45.62 -8.81
C ALA H 217 -2.33 45.66 -7.29
N TYR H 218 -1.18 45.87 -6.63
CA TYR H 218 -1.19 46.00 -5.18
C TYR H 218 -2.01 47.20 -4.73
N GLY H 219 -1.84 48.34 -5.41
CA GLY H 219 -2.64 49.50 -5.08
C GLY H 219 -4.11 49.27 -5.28
N TYR H 220 -4.47 48.56 -6.35
CA TYR H 220 -5.88 48.23 -6.58
C TYR H 220 -6.41 47.33 -5.47
N ASN H 221 -5.59 46.39 -4.99
CA ASN H 221 -5.98 45.47 -3.93
C ASN H 221 -5.82 46.07 -2.53
N SER H 222 -5.49 47.36 -2.42
CA SER H 222 -5.34 48.06 -1.15
C SER H 222 -4.16 47.53 -0.33
N GLN H 223 -3.12 47.04 -1.01
CA GLN H 223 -1.86 46.66 -0.35
C GLN H 223 -0.82 47.72 -0.67
N TYR H 224 -0.97 48.88 -0.04
CA TYR H 224 -0.22 50.06 -0.45
C TYR H 224 1.26 49.97 -0.09
N ASP H 225 1.60 49.27 0.99
CA ASP H 225 3.01 49.08 1.32
C ASP H 225 3.72 48.30 0.22
N GLU H 226 3.16 47.15 -0.17
CA GLU H 226 3.73 46.40 -1.28
C GLU H 226 3.67 47.20 -2.58
N ALA H 227 2.68 48.09 -2.70
CA ALA H 227 2.59 48.93 -3.90
C ALA H 227 3.78 49.86 -4.00
N VAL H 228 4.07 50.60 -2.92
CA VAL H 228 5.23 51.49 -2.94
C VAL H 228 6.52 50.69 -3.07
N ALA H 229 6.55 49.46 -2.52
CA ALA H 229 7.74 48.63 -2.64
C ALA H 229 7.99 48.25 -4.10
N GLN H 230 6.94 47.83 -4.81
CA GLN H 230 7.09 47.44 -6.21
C GLN H 230 7.42 48.64 -7.09
N PHE H 231 6.81 49.79 -6.80
CA PHE H 231 7.15 50.99 -7.56
C PHE H 231 8.59 51.40 -7.32
N SER H 232 9.07 51.30 -6.07
CA SER H 232 10.46 51.61 -5.78
C SER H 232 11.41 50.63 -6.45
N LYS H 233 11.01 49.36 -6.57
CA LYS H 233 11.85 48.41 -7.31
C LYS H 233 11.88 48.75 -8.79
N SER H 234 10.75 49.19 -9.35
CA SER H 234 10.72 49.64 -10.73
C SER H 234 11.67 50.81 -10.93
N ILE H 235 11.64 51.78 -10.02
CA ILE H 235 12.58 52.90 -10.09
C ILE H 235 14.01 52.41 -9.98
N GLU H 236 14.26 51.42 -9.10
CA GLU H 236 15.60 50.90 -8.93
C GLU H 236 16.14 50.31 -10.22
N VAL H 237 15.35 49.45 -10.87
CA VAL H 237 15.84 48.82 -12.09
C VAL H 237 15.93 49.81 -13.22
N ILE H 238 15.02 50.79 -13.28
CA ILE H 238 15.11 51.83 -14.31
C ILE H 238 16.39 52.63 -14.16
N GLU H 239 16.72 53.03 -12.93
CA GLU H 239 17.92 53.80 -12.69
C GLU H 239 19.18 52.97 -12.90
N ASN H 240 19.13 51.68 -12.56
CA ASN H 240 20.28 50.80 -12.80
C ASN H 240 20.55 50.65 -14.29
N ARG H 241 19.50 50.41 -15.09
CA ARG H 241 19.69 50.31 -16.53
C ARG H 241 20.12 51.64 -17.13
N MET H 242 19.57 52.74 -16.61
CA MET H 242 19.98 54.07 -17.07
C MET H 242 21.47 54.32 -16.81
N ALA H 243 21.95 53.96 -15.62
CA ALA H 243 23.36 54.11 -15.31
C ALA H 243 24.23 53.21 -16.19
N VAL H 244 23.80 51.97 -16.41
CA VAL H 244 24.56 51.07 -17.27
C VAL H 244 24.65 51.62 -18.69
N LEU H 245 23.56 52.21 -19.19
CA LEU H 245 23.57 52.79 -20.53
C LEU H 245 24.44 54.03 -20.58
N ASN H 246 24.35 54.90 -19.57
CA ASN H 246 25.14 56.12 -19.55
C ASN H 246 26.63 55.84 -19.35
N GLU H 247 26.99 54.71 -18.77
CA GLU H 247 28.39 54.36 -18.63
C GLU H 247 29.05 54.14 -20.00
N GLN H 248 28.28 53.70 -20.98
CA GLN H 248 28.81 53.48 -22.33
C GLN H 248 28.98 54.81 -23.06
N LYS H 261 18.74 58.47 -26.25
CA LYS H 261 17.30 58.67 -26.35
C LYS H 261 16.55 57.84 -25.32
N GLU H 262 16.99 56.59 -25.14
CA GLU H 262 16.35 55.72 -24.16
C GLU H 262 16.58 56.21 -22.74
N ILE H 263 17.77 56.77 -22.48
CA ILE H 263 18.05 57.38 -21.17
C ILE H 263 17.00 58.45 -20.85
N GLU H 264 16.75 59.34 -21.82
CA GLU H 264 15.78 60.41 -21.58
C GLU H 264 14.36 59.90 -21.54
N GLU H 265 14.06 58.83 -22.27
CA GLU H 265 12.74 58.20 -22.16
C GLU H 265 12.50 57.66 -20.75
N LEU H 266 13.49 56.95 -20.20
CA LEU H 266 13.38 56.46 -18.83
C LEU H 266 13.28 57.61 -17.84
N LYS H 267 14.04 58.68 -18.07
CA LYS H 267 13.97 59.83 -17.18
C LYS H 267 12.61 60.50 -17.23
N GLU H 268 11.97 60.53 -18.41
CA GLU H 268 10.63 61.08 -18.52
C GLU H 268 9.58 60.18 -17.86
N LEU H 269 9.77 58.87 -17.94
CA LEU H 269 8.80 57.96 -17.32
C LEU H 269 8.91 57.97 -15.80
N LEU H 270 10.11 58.18 -15.26
CA LEU H 270 10.34 58.06 -13.82
C LEU H 270 9.42 58.93 -12.95
N PRO H 271 9.22 60.23 -13.23
CA PRO H 271 8.45 61.06 -12.27
C PRO H 271 7.01 60.63 -12.09
N GLU H 272 6.37 60.08 -13.12
CA GLU H 272 5.01 59.59 -12.92
C GLU H 272 5.00 58.35 -12.04
N ILE H 273 6.06 57.55 -12.08
CA ILE H 273 6.17 56.42 -11.15
C ILE H 273 6.36 56.93 -9.73
N ARG H 274 7.14 58.00 -9.56
CA ARG H 274 7.25 58.61 -8.23
C ARG H 274 5.91 59.17 -7.77
N GLU H 275 5.12 59.70 -8.70
CA GLU H 275 3.78 60.18 -8.36
C GLU H 275 2.87 59.02 -7.93
N LYS H 276 3.02 57.86 -8.59
CA LYS H 276 2.30 56.67 -8.14
C LYS H 276 2.73 56.25 -6.74
N ILE H 277 4.03 56.36 -6.46
CA ILE H 277 4.54 56.09 -5.10
C ILE H 277 3.85 57.00 -4.09
N GLU H 278 3.79 58.31 -4.40
CA GLU H 278 3.16 59.25 -3.48
C GLU H 278 1.68 58.93 -3.30
N ASP H 279 0.97 58.62 -4.39
CA ASP H 279 -0.44 58.29 -4.31
C ASP H 279 -0.67 57.07 -3.43
N ALA H 280 0.18 56.05 -3.56
CA ALA H 280 0.02 54.86 -2.74
C ALA H 280 0.40 55.10 -1.29
N LYS H 281 1.40 55.95 -1.04
CA LYS H 281 1.75 56.29 0.34
C LYS H 281 0.62 57.06 1.02
N GLU H 282 -0.10 57.90 0.26
CA GLU H 282 -1.17 58.67 0.88
C GLU H 282 -2.35 57.80 1.31
N SER H 283 -2.36 56.52 0.95
CA SER H 283 -3.46 55.62 1.33
C SER H 283 -3.00 54.54 2.30
#